data_2WXM
#
_entry.id   2WXM
#
_cell.length_a   143.280
_cell.length_b   64.560
_cell.length_c   117.440
_cell.angle_alpha   90.00
_cell.angle_beta   103.51
_cell.angle_gamma   90.00
#
_symmetry.space_group_name_H-M   'C 1 2 1'
#
loop_
_entity.id
_entity.type
_entity.pdbx_description
1 polymer 'PHOSPHATIDYLINOSITOL-4,5-BISPHOSPHATE 3-KINASE CATALYTIC SUBUNIT DELTA ISOFORM'
2 non-polymer 1-(1-METHYLETHYL)-3-(PYRIDIN-3-YLETHYNYL)-1H-PYRAZOLO[3,4-D]PYRIMIDIN-4-AMINE
#
_entity_poly.entity_id   1
_entity_poly.type   'polypeptide(L)'
_entity_poly.pdbx_seq_one_letter_code
;GGDRVKKLINSQISLLIGKGLHEFDSLRDPEVNDFRTKMRQFCEEAAAHRQQLGWVEWLQYSFPLQLEPSARGWRAGLLR
VSNRALLVNVKFEGSEESFTFQVSTKDMPLALMACALRKKATVFRQPLVEQPEEYALQVNGRHEYLYGNYPLCHFQYICS
CLHSGLTPHLTMVHSSSILAMRDEQSNPAPQVQKPRAKPPPIPAKKPSSVSLWSLEQPFSIELIEGRKVNADERMKLVVQ
AGLFHGNEMLCKTVSSSEVNVCSEPVWKQRLEFDISVCDLPRMARLCFALYAVVEKAKKARSTKKKSKKADCPIAWANLM
LFDYKDQLKTGERCLYMWPSVPDEKGELLNPAGTVRGNPNTESAAALVIYLPEVAPHPVYFPALEKILELGRHGERGRIT
EEEQLQLREILERRGSGELYEHEKDLVWKMRHEVQEHFPEALARLLLVTKWNKHEDVAQMLYLLCSWPELPVLSALELLD
FSFPDCYVGSFAIKSLRKLTDDELFQYLLQLVQVLKYESYLDCELTKFLLGRALANRKIGHFLFWHLRSEMHVPSVALRF
GLIMEAYCRGSTHHMKVLMKQGEALSKLKALNDFVKVSSQKTTKPQTKEMMHMCMRQETYMEALSHLQSPLDPSTLLEEV
CVEQCTFMDSKMKPLWIMYSSEEAGSAGNVGIIFKNGDDLRQDMLTLQMIQLMDVLWKQEGLDLRMTPYGCLPTGDRTGL
IEVVLHSDTIANIQLNKSNMAATAAFNKDALLNWLKSKNPGEALDRAIEEFTLSCAGYCVATYVLGIGDRHSDNIMIRES
GQLFHIDFGHFLGNFKTKFGINRERVPFILTYDFVHVIQQGKTNNSEKFERFRGYCERAYTILRRHGLLFLHLFALMRAA
GLPELSCSKDIQYLKDSLALGKTEEEALKHFRVKFNEALRESWKTKVNWLAHNVSKDNRQ
;
_entity_poly.pdbx_strand_id   A
#
loop_
_chem_comp.id
_chem_comp.type
_chem_comp.name
_chem_comp.formula
ZZM non-polymer 1-(1-METHYLETHYL)-3-(PYRIDIN-3-YLETHYNYL)-1H-PYRAZOLO[3,4-D]PYRIMIDIN-4-AMINE 'C15 H14 N6'
#
# COMPACT_ATOMS: atom_id res chain seq x y z
N VAL A 5 12.25 33.66 -4.04
CA VAL A 5 11.37 32.51 -4.43
C VAL A 5 11.77 31.26 -3.64
N LYS A 6 13.09 31.07 -3.44
CA LYS A 6 13.62 29.89 -2.74
C LYS A 6 13.02 29.77 -1.33
N LYS A 7 12.74 30.92 -0.72
CA LYS A 7 12.01 31.02 0.56
C LYS A 7 10.56 30.53 0.42
N LEU A 8 9.88 30.97 -0.65
CA LEU A 8 8.48 30.57 -0.90
C LEU A 8 8.36 29.05 -0.98
N ILE A 9 9.27 28.44 -1.74
CA ILE A 9 9.21 27.02 -1.97
C ILE A 9 9.40 26.23 -0.68
N ASN A 10 10.31 26.68 0.16
CA ASN A 10 10.56 26.00 1.42
C ASN A 10 9.30 25.99 2.29
N SER A 11 8.63 27.13 2.35
CA SER A 11 7.47 27.23 3.21
C SER A 11 6.32 26.40 2.67
N GLN A 12 6.19 26.36 1.34
CA GLN A 12 5.23 25.47 0.71
C GLN A 12 5.47 23.98 1.03
N ILE A 13 6.73 23.55 0.96
CA ILE A 13 7.13 22.19 1.35
C ILE A 13 6.72 21.96 2.78
N SER A 14 7.13 22.84 3.67
CA SER A 14 6.82 22.66 5.08
C SER A 14 5.34 22.47 5.34
N LEU A 15 4.54 23.29 4.69
CA LEU A 15 3.10 23.20 4.85
C LEU A 15 2.63 21.86 4.29
N LEU A 16 3.13 21.52 3.12
CA LEU A 16 2.71 20.30 2.45
C LEU A 16 2.99 19.03 3.23
N ILE A 17 4.17 18.93 3.78
CA ILE A 17 4.59 17.71 4.40
C ILE A 17 4.20 17.66 5.86
N GLY A 18 3.69 18.77 6.36
CA GLY A 18 3.24 18.82 7.73
C GLY A 18 4.36 18.81 8.75
N LYS A 19 5.52 19.28 8.33
CA LYS A 19 6.65 19.49 9.21
C LYS A 19 7.45 20.63 8.67
N GLY A 20 7.81 21.55 9.56
CA GLY A 20 8.64 22.72 9.23
C GLY A 20 10.11 22.37 9.02
N LEU A 21 10.68 22.85 7.91
CA LEU A 21 12.05 22.54 7.47
C LEU A 21 13.10 22.93 8.51
N HIS A 22 12.73 23.88 9.36
CA HIS A 22 13.61 24.44 10.39
C HIS A 22 13.85 23.39 11.46
N GLU A 23 12.87 22.51 11.61
CA GLU A 23 12.98 21.43 12.55
C GLU A 23 14.08 20.46 12.14
N PHE A 24 14.33 20.34 10.83
CA PHE A 24 15.43 19.51 10.34
C PHE A 24 16.76 20.14 10.70
N ASP A 25 16.83 21.47 10.65
CA ASP A 25 18.08 22.16 10.90
C ASP A 25 18.46 22.13 12.36
N SER A 26 17.45 22.32 13.20
CA SER A 26 17.63 22.39 14.63
C SER A 26 18.20 21.14 15.25
N LEU A 27 18.06 20.01 14.56
CA LEU A 27 18.53 18.72 15.10
C LEU A 27 20.05 18.65 15.05
N ARG A 28 20.63 19.52 14.21
CA ARG A 28 22.09 19.61 14.02
C ARG A 28 22.73 18.23 13.93
N ASP A 29 22.12 17.35 13.11
CA ASP A 29 22.53 15.95 12.94
C ASP A 29 23.19 15.77 11.55
N PRO A 30 24.43 15.22 11.52
CA PRO A 30 25.15 15.06 10.25
C PRO A 30 24.44 14.12 9.28
N GLU A 31 23.94 12.99 9.79
CA GLU A 31 23.26 12.02 8.95
C GLU A 31 22.10 12.67 8.22
N VAL A 32 21.26 13.39 8.96
CA VAL A 32 20.11 14.08 8.37
C VAL A 32 20.61 15.06 7.32
N ASN A 33 21.70 15.74 7.67
CA ASN A 33 22.30 16.78 6.82
C ASN A 33 22.77 16.21 5.51
N ASP A 34 23.42 15.05 5.60
CA ASP A 34 23.89 14.36 4.41
C ASP A 34 22.74 13.78 3.62
N PHE A 35 21.82 13.07 4.27
CA PHE A 35 20.65 12.59 3.57
C PHE A 35 20.08 13.73 2.75
N ARG A 36 19.77 14.84 3.41
CA ARG A 36 19.18 15.98 2.73
C ARG A 36 19.97 16.45 1.49
N THR A 37 21.26 16.74 1.65
CA THR A 37 22.03 17.26 0.52
C THR A 37 22.17 16.24 -0.66
N LYS A 38 22.50 14.98 -0.37
CA LYS A 38 22.68 13.96 -1.41
C LYS A 38 21.41 13.72 -2.18
N MET A 39 20.30 13.60 -1.44
CA MET A 39 19.00 13.31 -2.05
C MET A 39 18.47 14.49 -2.87
N ARG A 40 18.72 15.71 -2.39
CA ARG A 40 18.32 16.89 -3.16
C ARG A 40 19.01 16.86 -4.52
N GLN A 41 20.26 16.43 -4.52
CA GLN A 41 21.03 16.32 -5.74
C GLN A 41 20.43 15.29 -6.65
N PHE A 42 20.23 14.11 -6.11
CA PHE A 42 19.68 13.01 -6.86
C PHE A 42 18.34 13.44 -7.50
N CYS A 43 17.42 13.95 -6.68
CA CYS A 43 16.10 14.38 -7.15
C CYS A 43 16.13 15.51 -8.18
N GLU A 44 17.00 16.50 -7.99
CA GLU A 44 17.12 17.58 -8.96
C GLU A 44 17.68 17.09 -10.29
N GLU A 45 18.52 16.06 -10.24
CA GLU A 45 19.02 15.48 -11.48
C GLU A 45 17.91 14.83 -12.25
N ALA A 46 17.05 14.12 -11.51
CA ALA A 46 15.90 13.52 -12.11
C ALA A 46 15.07 14.57 -12.83
N ALA A 47 14.75 15.67 -12.14
CA ALA A 47 13.88 16.69 -12.71
C ALA A 47 14.48 17.22 -14.00
N ALA A 48 15.80 17.26 -14.08
CA ALA A 48 16.44 17.81 -15.22
C ALA A 48 16.18 16.91 -16.39
N HIS A 49 16.34 15.61 -16.15
CA HIS A 49 16.14 14.59 -17.16
C HIS A 49 14.73 14.68 -17.76
N ARG A 50 13.78 15.02 -16.90
CA ARG A 50 12.40 15.07 -17.27
C ARG A 50 12.11 16.21 -18.23
N GLN A 51 12.66 17.38 -17.93
CA GLN A 51 12.32 18.59 -18.70
C GLN A 51 12.89 18.63 -20.14
N GLN A 52 13.58 17.54 -20.49
CA GLN A 52 14.04 17.29 -21.83
C GLN A 52 13.52 15.98 -22.50
N LEU A 53 12.66 15.23 -21.81
CA LEU A 53 11.98 14.07 -22.40
C LEU A 53 11.21 14.44 -23.68
N GLY A 54 11.14 13.51 -24.62
CA GLY A 54 10.26 13.67 -25.76
C GLY A 54 8.79 13.72 -25.33
N TRP A 55 7.91 14.13 -26.22
CA TRP A 55 6.52 14.31 -25.85
C TRP A 55 5.86 12.99 -25.49
N VAL A 56 6.11 11.95 -26.29
CA VAL A 56 5.61 10.64 -25.94
C VAL A 56 6.14 10.18 -24.55
N GLU A 57 7.43 10.41 -24.29
CA GLU A 57 8.01 10.04 -23.04
C GLU A 57 7.42 10.90 -21.93
N TRP A 58 7.03 12.11 -22.25
CA TRP A 58 6.41 12.93 -21.22
C TRP A 58 5.06 12.37 -20.81
N LEU A 59 4.24 12.07 -21.82
CA LEU A 59 2.96 11.47 -21.61
C LEU A 59 3.16 10.26 -20.75
N GLN A 60 4.15 9.44 -21.10
CA GLN A 60 4.43 8.23 -20.35
C GLN A 60 4.75 8.53 -18.86
N TYR A 61 5.43 9.65 -18.62
CA TYR A 61 5.72 10.07 -17.26
C TYR A 61 4.49 10.55 -16.48
N SER A 62 3.69 11.37 -17.15
CA SER A 62 2.63 12.13 -16.51
C SER A 62 1.28 11.38 -16.47
N PHE A 63 0.97 10.64 -17.53
CA PHE A 63 -0.30 9.92 -17.69
C PHE A 63 -0.04 8.46 -18.10
N PRO A 64 0.48 7.64 -17.16
CA PRO A 64 0.88 6.29 -17.53
C PRO A 64 -0.32 5.52 -18.02
N LEU A 65 -0.12 4.66 -19.02
CA LEU A 65 -1.23 3.98 -19.66
C LEU A 65 -1.91 3.08 -18.65
N GLN A 66 -3.22 2.98 -18.80
CA GLN A 66 -4.04 2.18 -17.92
C GLN A 66 -4.61 1.02 -18.73
N LEU A 67 -3.88 -0.09 -18.67
CA LEU A 67 -4.16 -1.28 -19.52
C LEU A 67 -4.94 -2.39 -18.77
N GLU A 68 -5.58 -3.29 -19.52
CA GLU A 68 -6.22 -4.46 -18.90
C GLU A 68 -5.15 -5.51 -18.59
N PRO A 69 -5.25 -6.17 -17.43
CA PRO A 69 -4.25 -7.15 -16.98
C PRO A 69 -3.72 -8.10 -18.08
N ASN A 83 -12.63 -7.91 -34.90
CA ASN A 83 -13.48 -8.77 -34.09
C ASN A 83 -14.90 -8.19 -33.94
N ARG A 84 -15.04 -7.13 -33.13
CA ARG A 84 -16.34 -6.51 -32.83
C ARG A 84 -16.30 -4.97 -32.95
N ALA A 85 -17.43 -4.38 -33.31
CA ALA A 85 -17.45 -2.94 -33.53
C ALA A 85 -17.92 -2.18 -32.30
N LEU A 86 -17.50 -0.92 -32.19
CA LEU A 86 -18.03 -0.01 -31.17
C LEU A 86 -18.13 1.43 -31.64
N LEU A 87 -19.13 2.15 -31.12
CA LEU A 87 -19.23 3.60 -31.33
C LEU A 87 -18.34 4.43 -30.39
N VAL A 88 -17.61 5.39 -30.96
CA VAL A 88 -16.76 6.29 -30.18
C VAL A 88 -16.96 7.70 -30.73
N ASN A 89 -17.02 8.66 -29.82
CA ASN A 89 -17.07 10.08 -30.15
C ASN A 89 -15.68 10.74 -29.97
N VAL A 90 -15.19 11.46 -31.00
CA VAL A 90 -13.87 12.15 -31.00
C VAL A 90 -14.03 13.60 -31.41
N LYS A 91 -13.17 14.45 -30.86
CA LYS A 91 -13.17 15.90 -31.15
C LYS A 91 -11.74 16.39 -30.93
N PHE A 92 -11.45 17.58 -31.45
CA PHE A 92 -10.10 18.12 -31.34
C PHE A 92 -10.01 19.09 -30.20
N GLU A 93 -8.80 19.32 -29.68
CA GLU A 93 -8.65 20.16 -28.47
C GLU A 93 -9.43 21.49 -28.55
N GLY A 94 -9.29 22.19 -29.68
CA GLY A 94 -9.83 23.55 -29.81
C GLY A 94 -11.33 23.75 -29.92
N SER A 95 -12.03 22.88 -30.65
CA SER A 95 -13.42 23.12 -31.08
C SER A 95 -14.50 22.27 -30.39
N GLU A 96 -15.77 22.67 -30.53
CA GLU A 96 -16.93 21.92 -30.00
C GLU A 96 -17.39 20.78 -30.91
N GLU A 97 -17.61 21.09 -32.21
CA GLU A 97 -18.01 20.07 -33.17
C GLU A 97 -17.23 18.76 -32.95
N SER A 98 -17.94 17.65 -33.08
CA SER A 98 -17.31 16.36 -32.89
C SER A 98 -17.96 15.39 -33.85
N PHE A 99 -17.34 14.23 -34.02
CA PHE A 99 -17.83 13.21 -34.92
C PHE A 99 -18.00 11.89 -34.13
N THR A 100 -18.94 11.03 -34.54
CA THR A 100 -19.08 9.72 -33.90
C THR A 100 -18.78 8.59 -34.91
N PHE A 101 -17.65 7.93 -34.71
CA PHE A 101 -17.16 6.87 -35.60
C PHE A 101 -17.64 5.50 -35.13
N GLN A 102 -17.72 4.57 -36.08
CA GLN A 102 -17.80 3.18 -35.73
C GLN A 102 -16.40 2.60 -36.02
N VAL A 103 -15.86 1.86 -35.06
CA VAL A 103 -14.60 1.14 -35.24
C VAL A 103 -14.65 -0.27 -34.59
N SER A 104 -13.53 -0.97 -34.66
CA SER A 104 -13.42 -2.29 -34.08
C SER A 104 -12.63 -2.20 -32.78
N THR A 105 -13.05 -2.97 -31.80
CA THR A 105 -12.28 -3.15 -30.59
C THR A 105 -10.82 -3.61 -30.82
N LYS A 106 -10.57 -4.22 -31.99
CA LYS A 106 -9.23 -4.68 -32.35
C LYS A 106 -8.32 -3.57 -32.90
N ASP A 107 -8.93 -2.52 -33.45
CA ASP A 107 -8.17 -1.39 -34.02
C ASP A 107 -7.17 -0.70 -33.05
N MET A 108 -6.07 -0.20 -33.60
CA MET A 108 -5.07 0.56 -32.87
C MET A 108 -5.54 1.98 -32.73
N PRO A 109 -5.03 2.72 -31.73
CA PRO A 109 -5.41 4.12 -31.57
C PRO A 109 -5.08 4.92 -32.80
N LEU A 110 -4.00 4.57 -33.49
CA LEU A 110 -3.57 5.34 -34.65
C LEU A 110 -4.60 5.27 -35.77
N ALA A 111 -5.24 4.12 -35.90
CA ALA A 111 -6.29 3.90 -36.90
C ALA A 111 -7.44 4.86 -36.64
N LEU A 112 -7.77 5.01 -35.37
CA LEU A 112 -8.81 5.90 -34.93
C LEU A 112 -8.42 7.34 -35.23
N MET A 113 -7.21 7.72 -34.83
CA MET A 113 -6.71 9.07 -35.09
C MET A 113 -6.78 9.39 -36.60
N ALA A 114 -6.48 8.38 -37.42
CA ALA A 114 -6.52 8.49 -38.87
C ALA A 114 -7.92 8.86 -39.40
N CYS A 115 -8.97 8.36 -38.70
CA CYS A 115 -10.37 8.69 -39.05
C CYS A 115 -10.67 10.12 -38.70
N ALA A 116 -10.39 10.46 -37.45
CA ALA A 116 -10.64 11.79 -36.97
C ALA A 116 -10.07 12.85 -37.90
N LEU A 117 -8.78 12.73 -38.21
CA LEU A 117 -8.10 13.72 -39.00
C LEU A 117 -8.71 13.77 -40.39
N ARG A 118 -8.93 12.61 -40.97
CA ARG A 118 -9.57 12.55 -42.27
C ARG A 118 -10.87 13.33 -42.21
N LYS A 119 -11.63 13.13 -41.12
CA LYS A 119 -12.93 13.78 -40.94
C LYS A 119 -12.82 15.28 -40.80
N LYS A 120 -11.79 15.74 -40.09
CA LYS A 120 -11.58 17.18 -39.94
C LYS A 120 -11.19 17.80 -41.27
N ALA A 121 -10.36 17.08 -42.03
CA ALA A 121 -9.90 17.55 -43.31
C ALA A 121 -11.04 17.83 -44.30
N THR A 122 -12.13 17.05 -44.26
CA THR A 122 -13.23 17.27 -45.20
C THR A 122 -14.15 18.44 -44.80
N VAL A 123 -14.61 18.46 -43.55
CA VAL A 123 -15.41 19.58 -43.06
C VAL A 123 -14.56 20.86 -43.13
N PHE A 124 -13.41 20.83 -42.45
CA PHE A 124 -12.49 21.96 -42.41
C PHE A 124 -11.62 22.06 -43.69
N ARG A 125 -12.20 21.61 -44.81
CA ARG A 125 -11.66 21.80 -46.17
C ARG A 125 -10.17 21.45 -46.48
N GLN A 126 -9.48 20.77 -45.55
CA GLN A 126 -8.12 20.19 -45.76
C GLN A 126 -7.01 21.23 -46.03
N GLN A 131 -1.29 14.04 -40.05
CA GLN A 131 -0.28 13.07 -39.61
C GLN A 131 -0.56 12.44 -38.25
N PRO A 132 -1.19 11.25 -38.24
CA PRO A 132 -1.71 10.59 -37.06
C PRO A 132 -0.68 10.51 -35.95
N GLU A 133 0.57 10.30 -36.32
CA GLU A 133 1.63 10.08 -35.36
C GLU A 133 1.92 11.28 -34.45
N GLU A 134 1.33 12.42 -34.77
CA GLU A 134 1.60 13.62 -34.01
C GLU A 134 0.69 13.80 -32.80
N TYR A 135 -0.11 12.78 -32.48
CA TYR A 135 -1.20 12.98 -31.54
C TYR A 135 -1.28 11.93 -30.46
N ALA A 136 -1.93 12.31 -29.38
CA ALA A 136 -2.43 11.33 -28.45
C ALA A 136 -3.92 11.56 -28.20
N LEU A 137 -4.63 10.49 -27.87
CA LEU A 137 -6.03 10.59 -27.51
C LEU A 137 -6.26 10.70 -25.97
N GLN A 138 -6.86 11.82 -25.55
CA GLN A 138 -7.25 12.00 -24.13
C GLN A 138 -8.65 11.52 -23.90
N VAL A 139 -8.87 10.90 -22.73
CA VAL A 139 -10.20 10.54 -22.26
C VAL A 139 -10.88 11.81 -21.76
N ASN A 140 -12.09 12.09 -22.23
CA ASN A 140 -12.69 13.39 -21.92
C ASN A 140 -12.81 13.70 -20.42
N GLY A 141 -12.38 14.89 -20.04
CA GLY A 141 -12.44 15.30 -18.65
C GLY A 141 -11.55 14.56 -17.63
N ARG A 142 -10.49 13.87 -18.11
CA ARG A 142 -9.66 13.00 -17.29
C ARG A 142 -8.19 13.17 -17.64
N HIS A 143 -7.30 12.94 -16.64
CA HIS A 143 -5.88 12.81 -16.92
C HIS A 143 -5.51 11.44 -17.40
N GLU A 144 -6.05 11.08 -18.54
CA GLU A 144 -5.87 9.72 -19.04
C GLU A 144 -5.76 9.78 -20.54
N TYR A 145 -4.85 8.99 -21.08
CA TYR A 145 -4.60 9.03 -22.49
C TYR A 145 -4.54 7.67 -23.11
N LEU A 146 -4.90 7.61 -24.39
CA LEU A 146 -4.76 6.40 -25.17
C LEU A 146 -3.71 6.61 -26.26
N TYR A 147 -2.68 5.79 -26.21
CA TYR A 147 -1.57 5.82 -27.16
C TYR A 147 -0.88 4.47 -27.08
N GLY A 148 0.05 4.23 -28.00
CA GLY A 148 0.76 2.95 -28.06
C GLY A 148 0.20 1.94 -29.08
N ASN A 149 0.90 0.82 -29.26
CA ASN A 149 0.45 -0.26 -30.14
C ASN A 149 -0.35 -1.21 -29.31
N TYR A 150 -1.64 -0.89 -29.13
CA TYR A 150 -2.57 -1.76 -28.39
C TYR A 150 -3.99 -1.70 -29.02
N PRO A 151 -4.68 -2.86 -29.13
CA PRO A 151 -6.07 -2.75 -29.57
C PRO A 151 -6.85 -1.98 -28.55
N LEU A 152 -7.91 -1.31 -29.00
CA LEU A 152 -8.63 -0.38 -28.15
C LEU A 152 -9.14 -1.02 -26.89
N CYS A 153 -9.62 -2.26 -27.00
CA CYS A 153 -10.16 -2.95 -25.85
C CYS A 153 -9.10 -3.40 -24.85
N HIS A 154 -7.80 -3.28 -25.17
CA HIS A 154 -6.75 -3.52 -24.16
C HIS A 154 -6.70 -2.36 -23.17
N PHE A 155 -7.21 -1.20 -23.57
CA PHE A 155 -7.27 -0.02 -22.68
C PHE A 155 -8.41 -0.13 -21.64
N GLN A 156 -8.05 -0.03 -20.36
CA GLN A 156 -9.06 -0.10 -19.25
C GLN A 156 -10.32 0.73 -19.49
N TYR A 157 -10.17 1.87 -20.15
CA TYR A 157 -11.31 2.73 -20.39
C TYR A 157 -12.14 2.19 -21.53
N ILE A 158 -11.53 1.71 -22.61
CA ILE A 158 -12.32 1.13 -23.69
C ILE A 158 -13.02 -0.13 -23.21
N CYS A 159 -12.38 -0.87 -22.29
CA CYS A 159 -13.04 -2.00 -21.60
C CYS A 159 -14.29 -1.63 -20.84
N SER A 160 -14.07 -0.78 -19.82
CA SER A 160 -15.10 -0.20 -18.96
C SER A 160 -16.34 0.19 -19.75
N CYS A 161 -16.08 0.89 -20.84
CA CYS A 161 -17.12 1.36 -21.75
C CYS A 161 -18.01 0.25 -22.31
N LEU A 162 -17.39 -0.88 -22.65
CA LEU A 162 -18.05 -2.04 -23.26
C LEU A 162 -18.93 -2.80 -22.29
N HIS A 163 -18.50 -2.84 -21.04
CA HIS A 163 -19.26 -3.51 -20.01
C HIS A 163 -20.39 -2.66 -19.50
N SER A 164 -20.13 -1.36 -19.28
CA SER A 164 -21.16 -0.48 -18.76
C SER A 164 -22.09 -0.08 -19.89
N GLY A 165 -21.59 -0.14 -21.12
CA GLY A 165 -22.43 0.13 -22.31
C GLY A 165 -22.21 1.49 -22.95
N LEU A 166 -21.40 2.35 -22.29
CA LEU A 166 -21.20 3.76 -22.71
C LEU A 166 -20.28 3.94 -23.92
N THR A 167 -20.50 5.05 -24.67
CA THR A 167 -19.72 5.42 -25.89
C THR A 167 -18.50 6.20 -25.48
N PRO A 168 -17.31 5.60 -25.64
CA PRO A 168 -16.07 6.28 -25.28
C PRO A 168 -16.03 7.70 -25.90
N HIS A 169 -15.61 8.69 -25.11
CA HIS A 169 -15.56 10.10 -25.56
C HIS A 169 -14.14 10.65 -25.49
N LEU A 170 -13.55 10.99 -26.65
CA LEU A 170 -12.10 11.24 -26.71
C LEU A 170 -11.71 12.54 -27.37
N THR A 171 -10.56 13.07 -26.99
CA THR A 171 -10.08 14.29 -27.64
C THR A 171 -8.69 14.12 -28.20
N MET A 172 -8.55 14.59 -29.45
CA MET A 172 -7.29 14.57 -30.14
C MET A 172 -6.43 15.67 -29.60
N VAL A 173 -5.31 15.28 -29.01
CA VAL A 173 -4.36 16.25 -28.48
C VAL A 173 -3.04 16.20 -29.26
N HIS A 174 -2.67 17.34 -29.82
CA HIS A 174 -1.47 17.49 -30.64
C HIS A 174 -0.18 17.49 -29.81
N SER A 175 0.94 17.12 -30.42
CA SER A 175 2.22 17.03 -29.71
C SER A 175 2.69 18.35 -29.12
N SER A 176 2.39 19.45 -29.80
CA SER A 176 2.80 20.80 -29.37
C SER A 176 2.04 21.29 -28.12
N SER A 177 0.88 20.67 -27.88
CA SER A 177 0.06 20.96 -26.68
C SER A 177 0.62 20.17 -25.49
N ILE A 178 0.91 18.89 -25.72
CA ILE A 178 1.63 18.10 -24.74
C ILE A 178 2.98 18.72 -24.36
N LEU A 179 3.74 19.24 -25.33
CA LEU A 179 5.04 19.84 -24.99
C LEU A 179 4.89 21.11 -24.18
N ALA A 180 3.81 21.84 -24.43
CA ALA A 180 3.48 23.01 -23.63
C ALA A 180 3.22 22.66 -22.16
N MET A 181 2.57 21.52 -21.93
CA MET A 181 2.40 21.04 -20.57
C MET A 181 3.77 20.72 -19.96
N ARG A 182 4.63 20.00 -20.69
CA ARG A 182 5.96 19.66 -20.17
C ARG A 182 6.66 20.93 -19.72
N ASP A 183 6.64 21.91 -20.60
CA ASP A 183 7.36 23.15 -20.37
C ASP A 183 6.90 23.89 -19.13
N GLU A 184 5.59 24.09 -19.00
CA GLU A 184 5.00 24.83 -17.85
C GLU A 184 5.30 24.25 -16.43
N GLN A 185 5.77 23.01 -16.39
CA GLN A 185 5.95 22.27 -15.15
C GLN A 185 7.40 22.21 -14.70
N SER A 186 8.25 23.00 -15.38
CA SER A 186 9.68 23.01 -15.09
C SER A 186 9.95 23.62 -13.72
N ASN A 187 10.93 23.04 -13.01
CA ASN A 187 11.27 23.37 -11.60
C ASN A 187 11.54 24.90 -11.36
N LEU A 212 37.93 -3.71 14.03
CA LEU A 212 38.07 -4.48 12.81
C LEU A 212 38.39 -5.92 13.21
N TRP A 213 39.08 -6.68 12.35
CA TRP A 213 39.40 -8.06 12.70
C TRP A 213 40.20 -8.15 14.00
N SER A 214 40.87 -7.06 14.36
CA SER A 214 41.85 -7.11 15.44
C SER A 214 41.25 -7.54 16.78
N LEU A 215 40.15 -6.87 17.13
CA LEU A 215 39.65 -6.89 18.48
C LEU A 215 38.96 -8.21 18.84
N GLU A 216 39.60 -9.01 19.71
CA GLU A 216 39.06 -10.30 20.13
C GLU A 216 38.38 -10.37 21.51
N GLN A 217 38.55 -9.31 22.31
CA GLN A 217 37.93 -9.26 23.64
C GLN A 217 36.39 -9.21 23.46
N PRO A 218 35.63 -9.83 24.38
CA PRO A 218 34.18 -9.80 24.27
C PRO A 218 33.61 -8.37 24.32
N PHE A 219 32.59 -8.09 23.49
CA PHE A 219 31.92 -6.79 23.48
C PHE A 219 31.21 -6.55 24.79
N SER A 220 31.04 -5.27 25.11
CA SER A 220 30.49 -4.83 26.39
C SER A 220 30.06 -3.36 26.33
N ILE A 221 29.24 -2.95 27.30
CA ILE A 221 28.81 -1.56 27.41
C ILE A 221 28.70 -1.30 28.87
N GLU A 222 28.95 -0.03 29.28
CA GLU A 222 28.65 0.38 30.65
C GLU A 222 27.24 0.95 30.71
N LEU A 223 26.44 0.38 31.60
CA LEU A 223 25.15 0.93 31.94
C LEU A 223 25.33 1.88 33.12
N ILE A 224 25.14 3.17 32.87
CA ILE A 224 25.35 4.20 33.89
C ILE A 224 24.09 4.45 34.74
N GLU A 225 23.07 5.10 34.17
CA GLU A 225 21.86 5.49 34.93
C GLU A 225 20.59 5.74 34.04
N GLY A 226 19.42 6.04 34.65
CA GLY A 226 18.17 6.40 33.94
C GLY A 226 17.34 7.55 34.54
N ARG A 227 16.10 7.77 34.07
CA ARG A 227 15.18 8.77 34.66
C ARG A 227 13.70 8.61 34.25
N LYS A 228 13.03 7.73 34.98
CA LYS A 228 11.73 7.16 34.60
C LYS A 228 10.63 7.35 35.65
N VAL A 229 9.47 6.71 35.43
CA VAL A 229 8.30 6.83 36.33
C VAL A 229 7.64 5.45 36.62
N ASN A 230 7.52 5.04 37.90
CA ASN A 230 6.91 3.71 38.27
C ASN A 230 6.69 3.24 39.73
N ALA A 231 6.22 1.97 39.89
CA ALA A 231 5.77 1.35 41.18
C ALA A 231 6.72 0.26 41.71
N MET A 235 8.45 -2.47 44.52
CA MET A 235 8.91 -3.08 43.27
C MET A 235 10.34 -2.69 42.87
N LYS A 236 10.97 -3.51 42.02
CA LYS A 236 12.34 -3.27 41.54
C LYS A 236 12.48 -3.20 40.02
N LEU A 237 13.45 -2.41 39.54
CA LEU A 237 13.75 -2.25 38.09
C LEU A 237 14.88 -3.15 37.61
N VAL A 238 14.79 -3.63 36.36
CA VAL A 238 15.88 -4.40 35.71
C VAL A 238 16.01 -3.96 34.29
N VAL A 239 17.24 -3.91 33.78
CA VAL A 239 17.42 -3.71 32.36
C VAL A 239 17.86 -5.04 31.73
N GLN A 240 17.18 -5.43 30.66
CA GLN A 240 17.61 -6.55 29.79
C GLN A 240 18.15 -5.98 28.47
N ALA A 241 19.32 -6.47 28.07
CA ALA A 241 19.93 -6.09 26.83
C ALA A 241 20.28 -7.36 26.06
N GLY A 242 19.95 -7.35 24.76
CA GLY A 242 20.36 -8.40 23.82
C GLY A 242 20.84 -7.79 22.50
N LEU A 243 21.85 -8.43 21.90
CA LEU A 243 22.31 -8.08 20.54
C LEU A 243 21.55 -8.87 19.48
N PHE A 244 21.03 -8.15 18.48
CA PHE A 244 20.33 -8.82 17.38
C PHE A 244 20.93 -8.55 16.02
N HIS A 245 20.69 -9.50 15.11
CA HIS A 245 20.85 -9.30 13.68
C HIS A 245 19.56 -9.84 13.04
N GLY A 246 18.57 -8.96 12.88
CA GLY A 246 17.23 -9.30 12.44
C GLY A 246 16.47 -9.88 13.60
N ASN A 247 15.77 -10.96 13.32
CA ASN A 247 15.02 -11.67 14.35
C ASN A 247 15.89 -12.47 15.29
N GLU A 248 17.02 -12.94 14.75
CA GLU A 248 17.96 -13.82 15.45
C GLU A 248 18.86 -13.13 16.47
N MET A 249 18.98 -13.73 17.64
CA MET A 249 19.99 -13.30 18.62
C MET A 249 21.38 -13.67 18.13
N LEU A 250 22.38 -12.86 18.46
CA LEU A 250 23.77 -13.20 18.14
C LEU A 250 24.51 -13.80 19.34
N CYS A 251 23.78 -13.99 20.43
CA CYS A 251 24.23 -14.63 21.69
C CYS A 251 23.12 -14.42 22.73
N LYS A 252 23.32 -14.93 23.95
CA LYS A 252 22.28 -14.85 24.98
C LYS A 252 22.05 -13.43 25.51
N THR A 253 20.86 -13.16 26.05
CA THR A 253 20.51 -11.78 26.46
C THR A 253 20.88 -11.45 27.91
N VAL A 254 22.09 -10.93 28.14
CA VAL A 254 22.55 -10.63 29.53
C VAL A 254 21.77 -9.46 30.19
N SER A 255 21.43 -9.60 31.47
CA SER A 255 20.58 -8.62 32.15
C SER A 255 21.26 -7.79 33.28
N SER A 256 20.47 -6.89 33.89
CA SER A 256 20.92 -6.01 34.97
C SER A 256 20.87 -6.61 36.38
N SER A 257 21.64 -6.04 37.30
CA SER A 257 21.34 -6.21 38.71
C SER A 257 20.08 -5.36 38.98
N GLU A 258 19.07 -5.94 39.71
CA GLU A 258 17.86 -5.19 40.14
C GLU A 258 18.20 -4.02 41.09
N VAL A 259 17.53 -2.88 40.87
CA VAL A 259 17.59 -1.74 41.79
C VAL A 259 16.16 -1.28 42.10
N ASN A 260 15.93 -0.80 43.34
CA ASN A 260 14.63 -0.27 43.78
C ASN A 260 13.99 0.73 42.80
N VAL A 261 12.66 0.75 42.75
CA VAL A 261 11.91 1.62 41.81
C VAL A 261 12.19 3.15 42.00
N CYS A 262 13.21 3.43 42.83
CA CYS A 262 13.66 4.80 43.06
C CYS A 262 14.39 5.38 41.84
N SER A 263 14.33 6.71 41.69
CA SER A 263 15.13 7.44 40.70
C SER A 263 14.52 7.32 39.29
N GLU A 264 15.15 7.85 38.22
CA GLU A 264 16.51 8.44 38.15
C GLU A 264 17.69 7.47 38.49
N PRO A 265 17.53 6.15 38.20
CA PRO A 265 18.44 5.09 38.66
C PRO A 265 19.88 5.25 38.20
N VAL A 266 20.77 4.51 38.85
CA VAL A 266 22.22 4.56 38.62
C VAL A 266 22.78 3.12 38.73
N TRP A 267 23.43 2.65 37.67
CA TRP A 267 23.94 1.29 37.60
C TRP A 267 25.47 1.22 37.54
N LYS A 268 26.05 2.00 36.62
CA LYS A 268 27.49 1.98 36.33
C LYS A 268 28.03 0.56 36.37
N GLN A 269 27.58 -0.29 35.45
CA GLN A 269 28.04 -1.67 35.41
C GLN A 269 28.34 -2.12 34.00
N ARG A 270 29.51 -2.72 33.85
CA ARG A 270 29.91 -3.38 32.61
C ARG A 270 28.97 -4.55 32.38
N LEU A 271 28.27 -4.50 31.25
CA LEU A 271 27.55 -5.63 30.74
C LEU A 271 28.43 -6.19 29.65
N GLU A 272 28.84 -7.45 29.80
CA GLU A 272 29.73 -8.08 28.84
C GLU A 272 29.12 -9.23 28.00
N PHE A 273 29.22 -9.06 26.67
CA PHE A 273 28.46 -9.92 25.73
C PHE A 273 29.20 -11.13 25.22
N ASP A 274 28.42 -12.17 24.96
CA ASP A 274 28.94 -13.49 24.62
C ASP A 274 29.31 -13.66 23.13
N ILE A 275 30.21 -12.80 22.64
CA ILE A 275 30.65 -12.70 21.23
C ILE A 275 31.84 -11.75 21.13
N SER A 276 32.72 -12.01 20.15
CA SER A 276 33.91 -11.18 19.92
C SER A 276 33.58 -9.99 19.03
N VAL A 277 34.22 -8.84 19.31
CA VAL A 277 33.90 -7.57 18.62
C VAL A 277 34.28 -7.58 17.11
N CYS A 278 35.19 -8.46 16.74
CA CYS A 278 35.54 -8.66 15.34
C CYS A 278 34.47 -9.53 14.69
N ASP A 279 33.59 -10.10 15.52
CA ASP A 279 32.46 -10.89 15.01
C ASP A 279 31.12 -10.15 14.89
N LEU A 280 31.06 -8.87 15.26
CA LEU A 280 29.81 -8.14 15.10
C LEU A 280 29.48 -7.82 13.60
N PRO A 281 28.36 -8.33 13.05
CA PRO A 281 28.15 -7.96 11.63
C PRO A 281 27.81 -6.47 11.38
N ARG A 282 28.01 -6.02 10.14
CA ARG A 282 27.84 -4.62 9.78
C ARG A 282 26.55 -4.05 10.33
N MET A 283 25.49 -4.84 10.33
CA MET A 283 24.17 -4.38 10.69
C MET A 283 23.77 -4.77 12.11
N ALA A 284 24.76 -4.97 12.95
CA ALA A 284 24.49 -5.32 14.34
C ALA A 284 23.57 -4.30 15.02
N ARG A 285 22.60 -4.82 15.77
CA ARG A 285 21.63 -4.00 16.50
C ARG A 285 21.57 -4.35 18.01
N LEU A 286 21.95 -3.39 18.89
CA LEU A 286 21.88 -3.54 20.39
C LEU A 286 20.58 -3.04 20.98
N CYS A 287 19.83 -3.93 21.64
CA CYS A 287 18.46 -3.64 22.11
C CYS A 287 18.27 -3.66 23.63
N PHE A 288 17.71 -2.60 24.18
CA PHE A 288 17.44 -2.55 25.60
C PHE A 288 15.97 -2.62 25.95
N ALA A 289 15.69 -3.18 27.13
CA ALA A 289 14.37 -3.09 27.73
C ALA A 289 14.50 -2.75 29.21
N LEU A 290 13.65 -1.85 29.67
CA LEU A 290 13.59 -1.49 31.08
C LEU A 290 12.20 -1.84 31.63
N TYR A 291 12.16 -2.59 32.72
CA TYR A 291 10.90 -3.04 33.28
C TYR A 291 10.99 -3.19 34.79
N ALA A 292 9.89 -3.62 35.42
CA ALA A 292 9.88 -3.76 36.87
C ALA A 292 9.32 -5.12 37.26
N VAL A 293 9.61 -5.51 38.50
CA VAL A 293 9.34 -6.86 38.95
C VAL A 293 9.46 -6.99 40.48
N VAL A 294 8.85 -8.03 41.04
CA VAL A 294 8.82 -8.24 42.50
C VAL A 294 10.17 -8.83 43.00
N ASP A 311 4.86 -9.14 36.06
CA ASP A 311 5.91 -8.52 35.21
C ASP A 311 5.43 -7.31 34.41
N CYS A 312 6.11 -6.19 34.61
CA CYS A 312 5.61 -4.92 34.11
C CYS A 312 6.62 -4.21 33.24
N PRO A 313 6.45 -4.33 31.90
CA PRO A 313 7.25 -3.63 30.90
C PRO A 313 7.06 -2.16 31.05
N ILE A 314 8.08 -1.38 30.69
CA ILE A 314 7.98 0.06 30.85
C ILE A 314 8.41 0.75 29.58
N ALA A 315 9.59 0.39 29.08
CA ALA A 315 10.17 1.06 27.92
C ALA A 315 11.20 0.20 27.19
N TRP A 316 11.46 0.55 25.93
CA TRP A 316 12.49 -0.12 25.14
C TRP A 316 13.23 0.90 24.32
N ALA A 317 14.40 0.52 23.80
CA ALA A 317 15.21 1.38 22.95
C ALA A 317 16.23 0.53 22.22
N ASN A 318 16.48 0.84 20.94
CA ASN A 318 17.49 0.11 20.14
C ASN A 318 18.46 1.07 19.48
N LEU A 319 19.69 0.61 19.23
CA LEU A 319 20.67 1.35 18.40
C LEU A 319 21.65 0.48 17.61
N MET A 320 22.00 0.96 16.41
CA MET A 320 23.02 0.33 15.60
C MET A 320 24.36 0.54 16.28
N LEU A 321 25.19 -0.50 16.28
CA LEU A 321 26.55 -0.45 16.86
C LEU A 321 27.52 0.29 15.95
N PHE A 322 27.18 0.35 14.67
CA PHE A 322 27.97 1.12 13.74
C PHE A 322 27.10 2.25 13.32
N ASP A 323 27.68 3.44 13.22
CA ASP A 323 26.98 4.57 12.70
C ASP A 323 26.79 4.42 11.18
N TYR A 324 26.24 5.44 10.55
CA TYR A 324 25.93 5.37 9.14
C TYR A 324 27.18 5.51 8.28
N LYS A 325 28.32 5.63 8.96
CA LYS A 325 29.62 5.73 8.29
C LYS A 325 30.47 4.52 8.56
N ASP A 326 29.83 3.44 8.98
CA ASP A 326 30.50 2.15 9.16
C ASP A 326 31.51 2.18 10.29
N GLN A 327 31.58 3.30 10.99
CA GLN A 327 32.47 3.41 12.12
C GLN A 327 31.77 2.86 13.34
N LEU A 328 32.50 2.14 14.18
CA LEU A 328 31.92 1.56 15.37
C LEU A 328 31.77 2.64 16.43
N LYS A 329 30.69 2.54 17.22
CA LYS A 329 30.27 3.63 18.10
C LYS A 329 30.99 3.61 19.45
N THR A 330 31.39 4.81 19.92
CA THR A 330 31.97 5.07 21.27
C THR A 330 31.76 6.57 21.53
N GLY A 331 31.88 7.09 22.76
CA GLY A 331 31.93 6.35 24.02
C GLY A 331 30.55 6.26 24.70
N GLU A 332 30.01 7.39 25.17
CA GLU A 332 28.70 7.42 25.89
C GLU A 332 27.48 7.83 25.07
N ARG A 333 26.30 7.31 25.44
CA ARG A 333 25.03 7.69 24.80
C ARG A 333 23.87 7.89 25.73
N CYS A 334 23.03 8.86 25.42
CA CYS A 334 21.73 8.98 26.08
C CYS A 334 20.57 8.43 25.21
N LEU A 335 19.85 7.43 25.73
CA LEU A 335 18.82 6.77 24.96
C LEU A 335 17.41 7.17 25.42
N TYR A 336 16.72 7.94 24.57
CA TYR A 336 15.36 8.38 24.86
C TYR A 336 14.34 7.31 24.47
N MET A 337 13.73 6.72 25.49
CA MET A 337 13.00 5.45 25.37
C MET A 337 11.55 5.56 24.92
N TRP A 338 11.09 4.50 24.26
CA TRP A 338 9.70 4.37 23.85
C TRP A 338 8.94 3.58 24.91
N PRO A 339 7.76 4.08 25.31
CA PRO A 339 6.95 3.36 26.29
C PRO A 339 6.50 1.99 25.76
N SER A 340 6.21 1.07 26.69
CA SER A 340 6.03 -0.34 26.31
C SER A 340 4.60 -0.88 26.30
N VAL A 341 4.22 -1.42 25.12
CA VAL A 341 2.98 -2.25 24.89
C VAL A 341 1.84 -2.16 25.94
N LEU A 348 9.62 -8.71 26.34
CA LEU A 348 10.11 -7.39 26.74
C LEU A 348 10.93 -6.70 25.64
N LEU A 349 11.78 -7.46 24.92
CA LEU A 349 12.73 -6.92 23.94
C LEU A 349 12.13 -6.72 22.57
N ASN A 350 12.58 -5.70 21.84
CA ASN A 350 11.95 -5.29 20.56
C ASN A 350 12.89 -5.11 19.34
N PRO A 351 13.45 -6.22 18.79
CA PRO A 351 14.47 -6.01 17.77
C PRO A 351 13.95 -5.20 16.61
N ALA A 352 12.70 -5.43 16.22
CA ALA A 352 12.13 -4.76 15.06
C ALA A 352 11.84 -3.26 15.31
N GLY A 353 11.88 -2.85 16.58
CA GLY A 353 11.59 -1.46 16.94
C GLY A 353 12.59 -0.53 16.34
N THR A 354 12.15 0.67 15.92
CA THR A 354 13.07 1.67 15.34
C THR A 354 14.37 1.88 16.15
N VAL A 355 15.44 2.25 15.47
CA VAL A 355 16.75 2.34 16.11
C VAL A 355 17.06 3.79 16.40
N ARG A 356 16.03 4.62 16.39
CA ARG A 356 16.20 6.03 16.65
C ARG A 356 15.43 6.32 17.92
N GLY A 357 15.89 7.31 18.68
CA GLY A 357 15.33 7.58 20.00
C GLY A 357 13.97 8.23 19.94
N ASN A 358 13.26 8.22 21.08
CA ASN A 358 11.99 8.93 21.25
C ASN A 358 12.23 10.44 21.21
N PRO A 359 11.60 11.16 20.27
CA PRO A 359 11.79 12.61 20.07
C PRO A 359 11.21 13.48 21.18
N ASN A 360 10.21 12.94 21.88
CA ASN A 360 9.59 13.64 23.00
C ASN A 360 10.55 13.57 24.18
N THR A 361 11.66 14.26 24.03
CA THR A 361 12.73 14.19 24.99
C THR A 361 12.36 14.79 26.37
N GLU A 362 11.33 15.64 26.41
CA GLU A 362 10.79 16.15 27.66
C GLU A 362 10.28 15.03 28.59
N SER A 363 9.42 14.18 28.04
CA SER A 363 8.63 13.23 28.79
C SER A 363 9.31 11.86 28.91
N ALA A 364 10.03 11.46 27.86
CA ALA A 364 10.62 10.12 27.78
C ALA A 364 11.60 9.81 28.91
N ALA A 365 11.43 8.63 29.49
CA ALA A 365 12.44 8.03 30.32
C ALA A 365 13.66 7.86 29.43
N ALA A 366 14.85 8.05 30.00
CA ALA A 366 16.09 8.08 29.24
C ALA A 366 17.22 7.27 29.91
N LEU A 367 17.97 6.52 29.10
CA LEU A 367 19.01 5.59 29.57
C LEU A 367 20.37 5.98 29.01
N VAL A 368 21.32 6.32 29.89
CA VAL A 368 22.72 6.55 29.46
C VAL A 368 23.59 5.32 29.62
N ILE A 369 24.33 5.04 28.55
CA ILE A 369 25.19 3.89 28.50
C ILE A 369 26.48 4.34 27.88
N TYR A 370 27.47 3.47 27.93
CA TYR A 370 28.81 3.81 27.45
C TYR A 370 29.44 2.70 26.60
N LEU A 371 29.56 2.97 25.30
CA LEU A 371 30.27 2.08 24.39
C LEU A 371 31.77 2.38 24.45
N PRO A 372 32.55 1.43 24.98
CA PRO A 372 33.96 1.68 25.20
C PRO A 372 34.71 1.90 23.88
N GLU A 373 35.53 2.96 23.84
CA GLU A 373 36.46 3.17 22.76
C GLU A 373 37.55 2.07 22.76
N VAL A 374 37.42 1.12 21.83
CA VAL A 374 38.33 -0.03 21.74
C VAL A 374 39.74 0.31 21.18
N ALA A 375 40.14 1.60 21.29
CA ALA A 375 41.42 2.09 20.64
C ALA A 375 41.82 3.39 21.14
N PRO A 378 39.65 5.27 15.56
CA PRO A 378 38.64 5.10 14.54
C PRO A 378 38.70 3.71 13.95
N VAL A 379 37.57 3.00 14.00
CA VAL A 379 37.48 1.68 13.39
C VAL A 379 36.23 1.55 12.52
N TYR A 380 36.46 1.12 11.30
CA TYR A 380 35.41 1.03 10.34
C TYR A 380 35.16 -0.42 9.98
N PHE A 381 33.93 -0.73 9.56
CA PHE A 381 33.70 -2.01 8.98
C PHE A 381 34.49 -2.03 7.69
N PRO A 382 35.33 -3.08 7.51
CA PRO A 382 36.24 -3.24 6.37
C PRO A 382 35.56 -3.22 5.00
N ALA A 383 36.23 -2.61 4.00
CA ALA A 383 35.74 -2.50 2.61
C ALA A 383 35.44 -3.84 1.94
N LEU A 384 34.61 -3.81 0.89
CA LEU A 384 34.16 -5.04 0.27
C LEU A 384 35.30 -5.88 -0.32
N GLU A 385 36.26 -5.21 -0.95
CA GLU A 385 37.43 -5.89 -1.47
C GLU A 385 38.10 -6.73 -0.37
N LYS A 386 38.24 -6.13 0.81
CA LYS A 386 38.76 -6.82 1.97
C LYS A 386 37.89 -8.03 2.28
N ILE A 387 36.56 -7.83 2.26
CA ILE A 387 35.59 -8.91 2.45
C ILE A 387 35.72 -9.96 1.32
N LEU A 388 35.93 -9.47 0.08
CA LEU A 388 36.02 -10.32 -1.12
C LEU A 388 37.24 -11.21 -1.08
N GLU A 389 38.34 -10.63 -0.57
CA GLU A 389 39.55 -11.36 -0.25
C GLU A 389 39.19 -12.54 0.66
N LEU A 390 38.85 -12.25 1.93
CA LEU A 390 38.67 -13.28 2.96
C LEU A 390 37.63 -14.30 2.56
N LEU A 407 20.27 -35.78 -0.32
CA LEU A 407 19.18 -35.40 0.59
C LEU A 407 19.01 -33.88 0.69
N ARG A 408 19.72 -33.16 -0.19
CA ARG A 408 19.61 -31.72 -0.32
C ARG A 408 18.27 -31.36 -0.87
N GLU A 409 18.06 -31.78 -2.12
CA GLU A 409 16.87 -31.40 -2.84
C GLU A 409 15.61 -31.76 -2.07
N ILE A 410 15.64 -32.93 -1.42
CA ILE A 410 14.46 -33.47 -0.72
C ILE A 410 13.92 -32.54 0.37
N LEU A 411 14.83 -31.99 1.21
CA LEU A 411 14.40 -31.04 2.22
C LEU A 411 14.11 -29.69 1.57
N GLU A 412 14.87 -29.41 0.50
CA GLU A 412 14.89 -28.06 -0.09
C GLU A 412 13.67 -27.70 -0.96
N ARG A 413 12.53 -27.46 -0.29
CA ARG A 413 11.31 -26.95 -0.91
C ARG A 413 10.23 -26.66 0.14
N GLU A 418 11.61 -24.26 8.22
CA GLU A 418 12.28 -24.78 9.43
C GLU A 418 13.00 -26.10 9.14
N LEU A 419 14.25 -26.20 9.58
CA LEU A 419 15.08 -27.36 9.29
C LEU A 419 16.07 -27.69 10.42
N TYR A 420 16.33 -28.97 10.64
CA TYR A 420 17.17 -29.42 11.75
C TYR A 420 18.65 -29.07 11.58
N GLU A 421 19.36 -29.12 12.69
CA GLU A 421 20.73 -28.63 12.75
C GLU A 421 21.58 -29.23 11.64
N HIS A 422 21.61 -30.56 11.56
CA HIS A 422 22.45 -31.21 10.56
C HIS A 422 21.98 -30.80 9.16
N GLU A 423 20.66 -30.67 8.98
CA GLU A 423 20.18 -30.26 7.69
C GLU A 423 20.81 -28.93 7.31
N LYS A 424 20.77 -27.99 8.26
CA LYS A 424 21.39 -26.67 8.07
C LYS A 424 22.85 -26.83 7.70
N ASP A 425 23.51 -27.72 8.41
CA ASP A 425 24.91 -28.04 8.19
C ASP A 425 25.17 -28.53 6.76
N LEU A 426 24.31 -29.41 6.26
CA LEU A 426 24.42 -29.92 4.89
C LEU A 426 24.34 -28.75 3.91
N VAL A 427 23.38 -27.88 4.15
CA VAL A 427 23.13 -26.73 3.30
C VAL A 427 24.38 -25.89 3.19
N TRP A 428 24.85 -25.43 4.35
CA TRP A 428 25.99 -24.51 4.40
C TRP A 428 27.20 -25.11 3.71
N LYS A 429 27.44 -26.39 3.96
CA LYS A 429 28.48 -27.19 3.33
C LYS A 429 28.39 -27.20 1.80
N MET A 430 27.17 -27.05 1.28
CA MET A 430 26.92 -27.17 -0.15
C MET A 430 26.69 -25.83 -0.84
N ARG A 431 27.11 -24.75 -0.20
CA ARG A 431 26.71 -23.39 -0.61
C ARG A 431 27.06 -23.03 -2.08
N HIS A 432 28.18 -23.54 -2.59
CA HIS A 432 28.55 -23.26 -3.98
C HIS A 432 27.57 -23.93 -4.91
N GLU A 433 27.07 -25.08 -4.47
CA GLU A 433 26.16 -25.90 -5.26
C GLU A 433 24.78 -25.30 -5.24
N VAL A 434 24.45 -24.68 -4.09
CA VAL A 434 23.25 -23.88 -3.92
C VAL A 434 23.33 -22.76 -4.93
N GLN A 435 24.44 -22.03 -4.90
CA GLN A 435 24.66 -20.93 -5.85
C GLN A 435 24.55 -21.42 -7.29
N GLU A 436 25.22 -22.53 -7.59
CA GLU A 436 25.30 -22.95 -8.97
C GLU A 436 24.05 -23.63 -9.51
N HIS A 437 23.31 -24.34 -8.67
CA HIS A 437 22.17 -25.15 -9.16
C HIS A 437 20.81 -24.77 -8.62
N PHE A 438 20.79 -24.03 -7.51
CA PHE A 438 19.50 -23.65 -6.94
C PHE A 438 19.51 -22.21 -6.51
N PRO A 439 20.00 -21.31 -7.41
CA PRO A 439 20.12 -19.91 -7.00
C PRO A 439 18.87 -19.39 -6.26
N GLU A 440 17.71 -19.98 -6.54
CA GLU A 440 16.44 -19.52 -5.96
C GLU A 440 16.24 -19.90 -4.49
N ALA A 441 17.26 -20.53 -3.92
CA ALA A 441 17.24 -20.90 -2.50
C ALA A 441 18.11 -19.98 -1.64
N LEU A 442 18.49 -18.83 -2.21
CA LEU A 442 19.36 -17.86 -1.55
C LEU A 442 18.92 -17.60 -0.13
N ALA A 443 17.64 -17.35 0.05
CA ALA A 443 17.14 -16.95 1.36
C ALA A 443 17.38 -18.04 2.38
N ARG A 444 17.18 -19.28 1.98
CA ARG A 444 17.27 -20.39 2.90
C ARG A 444 18.73 -20.56 3.38
N LEU A 445 19.67 -20.25 2.50
CA LEU A 445 21.08 -20.36 2.82
C LEU A 445 21.47 -19.20 3.74
N LEU A 446 20.84 -18.05 3.53
CA LEU A 446 21.06 -16.86 4.37
C LEU A 446 20.60 -17.06 5.80
N LEU A 447 19.50 -17.80 5.97
CA LEU A 447 18.94 -18.09 7.27
C LEU A 447 19.72 -19.15 8.02
N VAL A 448 20.59 -19.87 7.32
CA VAL A 448 21.45 -20.84 8.00
C VAL A 448 22.87 -20.33 8.30
N THR A 449 23.31 -19.23 7.66
CA THR A 449 24.69 -18.71 7.92
C THR A 449 24.80 -18.13 9.31
N LYS A 450 26.01 -18.21 9.83
CA LYS A 450 26.28 -17.83 11.18
C LYS A 450 26.65 -16.35 11.25
N TRP A 451 25.61 -15.52 11.29
CA TRP A 451 25.81 -14.08 11.30
C TRP A 451 26.67 -13.62 12.50
N ASN A 452 26.88 -14.49 13.49
CA ASN A 452 27.78 -14.17 14.63
C ASN A 452 29.18 -14.78 14.52
N LYS A 453 29.60 -15.08 13.30
CA LYS A 453 30.97 -15.47 13.01
C LYS A 453 31.38 -14.76 11.73
N HIS A 454 32.32 -13.81 11.82
CA HIS A 454 32.69 -12.96 10.67
C HIS A 454 33.19 -13.74 9.45
N GLU A 455 33.92 -14.84 9.67
CA GLU A 455 34.44 -15.66 8.57
C GLU A 455 33.34 -16.20 7.66
N ASP A 456 32.27 -16.69 8.26
CA ASP A 456 31.14 -17.30 7.52
C ASP A 456 30.32 -16.26 6.76
N VAL A 457 30.23 -15.07 7.34
CA VAL A 457 29.57 -13.93 6.71
C VAL A 457 30.38 -13.47 5.52
N ALA A 458 31.71 -13.51 5.65
CA ALA A 458 32.62 -13.22 4.54
C ALA A 458 32.41 -14.23 3.39
N GLN A 459 32.31 -15.51 3.73
CA GLN A 459 32.21 -16.55 2.72
C GLN A 459 30.91 -16.39 1.97
N MET A 460 29.84 -16.14 2.76
CA MET A 460 28.48 -15.98 2.26
C MET A 460 28.41 -14.82 1.29
N LEU A 461 28.89 -13.67 1.75
CA LEU A 461 28.91 -12.49 0.90
C LEU A 461 29.66 -12.75 -0.44
N TYR A 462 30.85 -13.37 -0.36
CA TYR A 462 31.61 -13.71 -1.59
C TYR A 462 30.72 -14.40 -2.64
N LEU A 463 29.97 -15.41 -2.19
CA LEU A 463 28.96 -16.07 -2.97
C LEU A 463 27.85 -15.10 -3.41
N LEU A 464 27.38 -14.25 -2.49
CA LEU A 464 26.25 -13.41 -2.83
C LEU A 464 26.64 -12.45 -3.94
N CYS A 465 27.92 -12.10 -3.97
CA CYS A 465 28.48 -11.13 -4.90
C CYS A 465 28.54 -11.58 -6.37
N SER A 466 28.40 -12.88 -6.62
CA SER A 466 28.39 -13.36 -8.01
C SER A 466 27.05 -14.04 -8.30
N TRP A 467 26.13 -13.87 -7.37
CA TRP A 467 24.88 -14.59 -7.39
C TRP A 467 24.01 -14.02 -8.53
N PRO A 468 23.51 -14.89 -9.43
CA PRO A 468 22.60 -14.35 -10.44
C PRO A 468 21.41 -13.63 -9.82
N GLU A 469 20.91 -12.60 -10.49
CA GLU A 469 19.68 -11.94 -10.07
C GLU A 469 18.53 -12.93 -9.95
N LEU A 470 17.59 -12.63 -9.07
CA LEU A 470 16.42 -13.48 -8.84
C LEU A 470 15.09 -12.93 -9.40
N PRO A 471 14.09 -13.82 -9.58
CA PRO A 471 12.72 -13.33 -9.92
C PRO A 471 12.11 -12.41 -8.85
N VAL A 472 11.22 -11.54 -9.30
CA VAL A 472 10.65 -10.51 -8.45
C VAL A 472 10.08 -11.11 -7.16
N LEU A 473 9.42 -12.27 -7.30
CA LEU A 473 8.83 -12.99 -6.19
C LEU A 473 9.86 -13.32 -5.08
N SER A 474 11.04 -13.78 -5.45
CA SER A 474 12.11 -14.07 -4.47
C SER A 474 12.69 -12.80 -3.86
N ALA A 475 12.83 -11.74 -4.66
CA ALA A 475 13.28 -10.43 -4.19
C ALA A 475 12.41 -9.89 -3.07
N LEU A 476 11.08 -10.02 -3.25
CA LEU A 476 10.12 -9.56 -2.25
C LEU A 476 10.32 -10.27 -0.90
N GLU A 477 10.75 -11.55 -0.95
CA GLU A 477 11.06 -12.31 0.28
C GLU A 477 12.26 -11.75 1.02
N LEU A 478 13.27 -11.39 0.24
CA LEU A 478 14.52 -10.89 0.76
C LEU A 478 14.44 -9.53 1.47
N LEU A 479 13.33 -8.78 1.28
CA LEU A 479 13.14 -7.47 1.92
C LEU A 479 12.58 -7.63 3.30
N ASP A 480 12.30 -8.87 3.67
CA ASP A 480 11.89 -9.17 5.02
C ASP A 480 12.97 -8.85 6.09
N PHE A 481 12.52 -8.54 7.30
CA PHE A 481 13.42 -8.19 8.42
C PHE A 481 14.42 -9.30 8.84
N SER A 482 14.12 -10.53 8.46
CA SER A 482 14.99 -11.69 8.58
C SER A 482 16.22 -11.55 7.72
N PHE A 483 16.33 -10.46 6.96
CA PHE A 483 17.50 -10.29 6.11
C PHE A 483 18.05 -8.90 6.24
N PRO A 484 18.52 -8.56 7.43
CA PRO A 484 18.92 -7.19 7.69
C PRO A 484 20.22 -6.75 7.00
N ASP A 485 21.07 -7.68 6.53
CA ASP A 485 22.37 -7.29 5.96
C ASP A 485 22.23 -6.39 4.73
N CYS A 486 22.91 -5.25 4.71
CA CYS A 486 22.77 -4.28 3.59
C CYS A 486 23.27 -4.76 2.23
N TYR A 487 24.04 -5.84 2.20
CA TYR A 487 24.50 -6.36 0.92
C TYR A 487 23.40 -7.22 0.38
N VAL A 488 22.81 -8.02 1.26
CA VAL A 488 21.54 -8.72 0.92
C VAL A 488 20.46 -7.75 0.41
N GLY A 489 20.23 -6.66 1.15
CA GLY A 489 19.18 -5.67 0.83
C GLY A 489 19.47 -5.02 -0.51
N SER A 490 20.77 -4.77 -0.73
CA SER A 490 21.28 -4.23 -1.96
C SER A 490 20.90 -5.16 -3.16
N PHE A 491 21.31 -6.43 -3.06
CA PHE A 491 20.97 -7.44 -4.05
C PHE A 491 19.47 -7.49 -4.33
N ALA A 492 18.69 -7.38 -3.27
CA ALA A 492 17.24 -7.50 -3.34
C ALA A 492 16.63 -6.40 -4.21
N ILE A 493 17.00 -5.14 -3.93
CA ILE A 493 16.58 -4.00 -4.76
C ILE A 493 17.07 -4.23 -6.17
N LYS A 494 18.30 -4.73 -6.28
CA LYS A 494 18.86 -5.00 -7.58
C LYS A 494 17.89 -5.91 -8.33
N SER A 495 17.41 -6.95 -7.66
CA SER A 495 16.51 -7.90 -8.33
C SER A 495 15.13 -7.29 -8.57
N LEU A 496 14.84 -6.22 -7.85
CA LEU A 496 13.54 -5.56 -7.98
C LEU A 496 13.44 -4.49 -9.06
N ARG A 497 14.57 -4.01 -9.54
CA ARG A 497 14.54 -2.96 -10.55
C ARG A 497 13.76 -3.38 -11.79
N LYS A 498 13.63 -4.70 -12.00
CA LYS A 498 12.91 -5.20 -13.18
C LYS A 498 11.40 -5.15 -13.00
N LEU A 499 10.94 -4.72 -11.82
CA LEU A 499 9.51 -4.51 -11.61
C LEU A 499 8.98 -3.51 -12.63
N THR A 500 7.83 -3.84 -13.21
CA THR A 500 7.11 -2.91 -14.04
C THR A 500 6.48 -1.86 -13.15
N ASP A 501 6.06 -0.73 -13.73
CA ASP A 501 5.43 0.29 -12.94
C ASP A 501 4.12 -0.24 -12.36
N ASP A 502 3.36 -1.00 -13.16
CA ASP A 502 2.10 -1.58 -12.70
C ASP A 502 2.28 -2.51 -11.51
N GLU A 503 3.30 -3.35 -11.56
CA GLU A 503 3.71 -4.17 -10.42
C GLU A 503 4.18 -3.38 -9.21
N LEU A 504 5.07 -2.43 -9.46
CA LEU A 504 5.54 -1.55 -8.43
C LEU A 504 4.32 -0.88 -7.73
N PHE A 505 3.40 -0.36 -8.55
CA PHE A 505 2.17 0.17 -8.00
C PHE A 505 1.45 -0.86 -7.10
N GLN A 506 1.32 -2.09 -7.60
CA GLN A 506 0.66 -3.16 -6.87
C GLN A 506 1.30 -3.43 -5.50
N TYR A 507 2.62 -3.29 -5.37
CA TYR A 507 3.28 -3.58 -4.09
C TYR A 507 3.75 -2.37 -3.31
N LEU A 508 3.39 -1.17 -3.75
CA LEU A 508 3.94 0.09 -3.20
C LEU A 508 3.65 0.26 -1.68
N LEU A 509 2.40 0.03 -1.30
CA LEU A 509 2.05 -0.03 0.11
C LEU A 509 3.10 -0.81 0.91
N GLN A 510 3.46 -2.02 0.48
CA GLN A 510 4.34 -2.85 1.32
C GLN A 510 5.75 -2.30 1.34
N LEU A 511 6.21 -1.86 0.17
CA LEU A 511 7.52 -1.29 0.07
C LEU A 511 7.72 -0.09 1.01
N VAL A 512 6.69 0.74 1.19
CA VAL A 512 6.81 1.89 2.06
C VAL A 512 6.92 1.39 3.51
N GLN A 513 6.11 0.40 3.87
CA GLN A 513 6.18 -0.15 5.22
C GLN A 513 7.57 -0.66 5.57
N VAL A 514 8.23 -1.27 4.59
CA VAL A 514 9.59 -1.78 4.72
C VAL A 514 10.56 -0.70 5.10
N LEU A 515 10.25 0.54 4.72
CA LEU A 515 11.12 1.65 5.15
C LEU A 515 11.26 1.75 6.66
N LYS A 516 10.22 1.32 7.39
CA LYS A 516 10.22 1.24 8.84
C LYS A 516 11.30 0.29 9.44
N TYR A 517 11.72 -0.72 8.68
CA TYR A 517 12.74 -1.69 9.08
C TYR A 517 14.15 -1.12 8.89
N GLU A 518 14.23 -0.03 8.11
CA GLU A 518 15.51 0.52 7.68
C GLU A 518 16.31 1.03 8.86
N SER A 519 17.64 0.85 8.80
CA SER A 519 18.47 1.21 9.92
C SER A 519 19.09 2.60 9.83
N TYR A 520 19.21 3.13 8.62
CA TYR A 520 19.83 4.42 8.41
C TYR A 520 18.96 5.16 7.43
N LEU A 521 19.03 6.49 7.42
CA LEU A 521 18.18 7.28 6.55
C LEU A 521 18.52 7.14 5.07
N ASP A 522 19.82 7.10 4.77
CA ASP A 522 20.27 6.96 3.39
C ASP A 522 20.39 5.49 3.05
N CYS A 523 19.43 4.98 2.28
CA CYS A 523 19.40 3.56 1.99
C CYS A 523 18.88 3.25 0.58
N GLU A 524 19.21 2.06 0.09
CA GLU A 524 18.88 1.66 -1.26
C GLU A 524 17.39 1.73 -1.53
N LEU A 525 16.56 1.29 -0.58
CA LEU A 525 15.13 1.29 -0.86
C LEU A 525 14.64 2.72 -1.12
N THR A 526 15.21 3.67 -0.36
CA THR A 526 14.74 5.05 -0.38
C THR A 526 15.12 5.62 -1.71
N LYS A 527 16.36 5.42 -2.10
CA LYS A 527 16.80 5.87 -3.40
C LYS A 527 15.98 5.28 -4.56
N PHE A 528 15.62 3.99 -4.43
CA PHE A 528 14.88 3.27 -5.43
C PHE A 528 13.47 3.84 -5.56
N LEU A 529 12.77 3.96 -4.43
CA LEU A 529 11.41 4.48 -4.42
C LEU A 529 11.33 5.90 -4.99
N LEU A 530 12.27 6.76 -4.59
CA LEU A 530 12.34 8.16 -5.03
C LEU A 530 12.57 8.24 -6.55
N GLY A 531 13.48 7.41 -7.06
CA GLY A 531 13.80 7.38 -8.46
C GLY A 531 12.67 6.90 -9.34
N ARG A 532 11.98 5.85 -8.90
CA ARG A 532 10.80 5.38 -9.63
C ARG A 532 9.69 6.42 -9.58
N ALA A 533 9.52 7.07 -8.42
CA ALA A 533 8.46 8.07 -8.23
C ALA A 533 8.70 9.35 -9.04
N LEU A 534 9.96 9.69 -9.25
CA LEU A 534 10.26 10.87 -10.06
C LEU A 534 10.11 10.58 -11.53
N ALA A 535 10.27 9.30 -11.89
CA ALA A 535 10.07 8.80 -13.27
C ALA A 535 8.62 8.42 -13.59
N ASN A 536 7.73 8.41 -12.61
CA ASN A 536 6.32 8.08 -12.84
C ASN A 536 5.44 8.85 -11.87
N ARG A 537 4.61 9.77 -12.37
CA ARG A 537 3.87 10.68 -11.51
C ARG A 537 2.75 10.02 -10.72
N LYS A 538 2.24 8.90 -11.21
CA LYS A 538 1.25 8.17 -10.47
C LYS A 538 1.97 7.55 -9.26
N ILE A 539 3.13 6.92 -9.49
CA ILE A 539 3.92 6.38 -8.40
C ILE A 539 4.19 7.50 -7.39
N GLY A 540 4.60 8.65 -7.93
CA GLY A 540 4.94 9.83 -7.14
C GLY A 540 3.79 10.26 -6.27
N HIS A 541 2.59 10.15 -6.82
CA HIS A 541 1.39 10.59 -6.14
C HIS A 541 1.11 9.73 -4.90
N PHE A 542 1.04 8.43 -5.10
CA PHE A 542 0.77 7.51 -4.02
C PHE A 542 1.94 7.37 -3.03
N LEU A 543 3.18 7.37 -3.49
CA LEU A 543 4.25 7.46 -2.48
C LEU A 543 4.03 8.61 -1.50
N PHE A 544 3.78 9.80 -2.05
CA PHE A 544 3.59 10.99 -1.26
C PHE A 544 2.52 10.72 -0.18
N TRP A 545 1.34 10.24 -0.61
CA TRP A 545 0.25 10.07 0.32
C TRP A 545 0.52 8.98 1.37
N HIS A 546 1.15 7.89 0.96
CA HIS A 546 1.54 6.88 1.93
C HIS A 546 2.42 7.51 2.99
N LEU A 547 3.36 8.33 2.57
CA LEU A 547 4.17 8.99 3.54
C LEU A 547 3.37 10.05 4.32
N ARG A 548 2.68 10.92 3.62
CA ARG A 548 2.05 12.05 4.27
C ARG A 548 1.14 11.58 5.36
N SER A 549 0.45 10.47 5.10
CA SER A 549 -0.60 9.93 5.96
C SER A 549 -0.03 9.36 7.24
N GLU A 550 1.30 9.29 7.32
CA GLU A 550 1.94 8.79 8.55
C GLU A 550 2.69 9.84 9.38
N MET A 551 2.64 11.13 8.99
CA MET A 551 3.38 12.18 9.71
C MET A 551 3.10 12.30 11.23
N HIS A 552 1.92 11.89 11.65
CA HIS A 552 1.47 12.04 13.02
C HIS A 552 2.09 10.94 13.88
N VAL A 553 2.87 10.07 13.26
CA VAL A 553 3.48 9.01 14.03
C VAL A 553 4.95 9.33 14.35
N PRO A 554 5.24 9.72 15.61
CA PRO A 554 6.58 10.16 16.01
C PRO A 554 7.69 9.28 15.53
N SER A 555 7.44 7.97 15.50
CA SER A 555 8.49 7.02 15.16
C SER A 555 8.97 7.09 13.69
N VAL A 556 8.12 7.59 12.79
CA VAL A 556 8.44 7.70 11.34
C VAL A 556 8.43 9.13 10.75
N ALA A 557 8.06 10.13 11.56
CA ALA A 557 7.90 11.53 11.10
C ALA A 557 9.16 12.08 10.42
N LEU A 558 10.32 11.94 11.08
CA LEU A 558 11.59 12.36 10.49
C LEU A 558 11.91 11.67 9.14
N ARG A 559 12.01 10.35 9.15
CA ARG A 559 12.26 9.62 7.92
C ARG A 559 11.36 10.05 6.78
N PHE A 560 10.05 10.01 7.01
CA PHE A 560 9.08 10.26 5.94
C PHE A 560 9.13 11.73 5.52
N GLY A 561 9.33 12.61 6.50
CA GLY A 561 9.47 14.05 6.26
C GLY A 561 10.57 14.32 5.28
N LEU A 562 11.73 13.76 5.57
CA LEU A 562 12.88 13.91 4.70
C LEU A 562 12.62 13.37 3.28
N ILE A 563 11.95 12.21 3.18
CA ILE A 563 11.63 11.67 1.87
C ILE A 563 10.72 12.63 1.10
N MET A 564 9.64 13.10 1.72
CA MET A 564 8.77 14.03 1.02
C MET A 564 9.52 15.33 0.53
N GLU A 565 10.28 15.98 1.41
CA GLU A 565 11.11 17.11 0.98
C GLU A 565 11.89 16.79 -0.31
N ALA A 566 12.64 15.69 -0.29
CA ALA A 566 13.44 15.36 -1.46
C ALA A 566 12.58 15.26 -2.70
N TYR A 567 11.48 14.52 -2.57
CA TYR A 567 10.55 14.41 -3.69
C TYR A 567 10.25 15.80 -4.25
N CYS A 568 9.88 16.73 -3.35
CA CYS A 568 9.42 18.05 -3.73
C CYS A 568 10.51 18.81 -4.45
N ARG A 569 11.76 18.60 -4.03
CA ARG A 569 12.86 19.23 -4.71
C ARG A 569 12.85 18.74 -6.14
N GLY A 570 12.37 17.52 -6.36
CA GLY A 570 12.40 16.89 -7.67
C GLY A 570 11.25 17.28 -8.56
N SER A 571 10.12 17.66 -7.95
CA SER A 571 8.94 18.16 -8.72
C SER A 571 8.19 19.33 -8.08
N THR A 572 8.67 20.53 -8.38
CA THR A 572 8.09 21.79 -7.95
C THR A 572 6.63 21.85 -8.35
N HIS A 573 6.35 21.48 -9.59
CA HIS A 573 5.01 21.55 -10.10
C HIS A 573 4.05 20.61 -9.38
N HIS A 574 4.50 19.38 -9.18
CA HIS A 574 3.62 18.39 -8.58
C HIS A 574 3.37 18.72 -7.13
N MET A 575 4.36 19.36 -6.50
CA MET A 575 4.23 19.87 -5.13
C MET A 575 3.00 20.80 -4.97
N LYS A 576 2.89 21.75 -5.89
CA LYS A 576 1.74 22.63 -5.97
C LYS A 576 0.42 21.88 -6.15
N VAL A 577 0.44 20.84 -6.98
CA VAL A 577 -0.77 20.08 -7.28
C VAL A 577 -1.20 19.36 -6.03
N LEU A 578 -0.20 18.83 -5.31
CA LEU A 578 -0.45 18.17 -4.02
C LEU A 578 -0.95 19.14 -2.94
N MET A 579 -0.44 20.37 -2.91
CA MET A 579 -0.87 21.37 -1.92
C MET A 579 -2.33 21.67 -2.12
N LYS A 580 -2.73 21.71 -3.38
CA LYS A 580 -4.09 21.98 -3.69
C LYS A 580 -4.98 20.84 -3.07
N GLN A 581 -4.53 19.58 -3.15
CA GLN A 581 -5.21 18.48 -2.43
C GLN A 581 -5.23 18.65 -0.89
N GLY A 582 -4.11 19.04 -0.30
CA GLY A 582 -4.00 19.23 1.12
C GLY A 582 -4.93 20.32 1.54
N GLU A 583 -5.01 21.38 0.75
CA GLU A 583 -5.94 22.46 1.06
C GLU A 583 -7.39 21.94 1.08
N ALA A 584 -7.76 21.11 0.09
CA ALA A 584 -9.11 20.58 0.06
C ALA A 584 -9.35 19.74 1.33
N LEU A 585 -8.34 18.95 1.72
CA LEU A 585 -8.48 18.05 2.88
C LEU A 585 -8.53 18.80 4.18
N SER A 586 -7.85 19.93 4.23
CA SER A 586 -7.93 20.81 5.38
C SER A 586 -9.35 21.33 5.60
N LYS A 587 -10.00 21.76 4.51
CA LYS A 587 -11.36 22.28 4.54
C LYS A 587 -12.42 21.19 4.84
N LEU A 588 -12.30 20.02 4.24
CA LEU A 588 -13.16 18.91 4.57
C LEU A 588 -13.15 18.59 6.11
N LYS A 589 -11.97 18.59 6.71
CA LYS A 589 -11.85 18.32 8.14
C LYS A 589 -12.67 19.35 8.93
N ALA A 590 -12.55 20.61 8.52
CA ALA A 590 -13.23 21.68 9.18
C ALA A 590 -14.71 21.44 9.02
N LEU A 591 -15.11 21.11 7.79
CA LEU A 591 -16.50 20.97 7.47
C LEU A 591 -17.07 19.79 8.23
N ASN A 592 -16.28 18.72 8.30
CA ASN A 592 -16.66 17.54 9.06
C ASN A 592 -16.81 17.80 10.55
N ASP A 593 -15.87 18.50 11.18
CA ASP A 593 -16.05 18.87 12.62
C ASP A 593 -17.33 19.67 12.87
N PHE A 594 -17.63 20.59 11.96
CA PHE A 594 -18.85 21.39 12.03
C PHE A 594 -20.05 20.41 12.09
N VAL A 595 -20.11 19.52 11.11
CA VAL A 595 -21.19 18.54 10.97
C VAL A 595 -21.41 17.65 12.21
N LYS A 596 -20.32 17.13 12.74
CA LYS A 596 -20.35 16.43 14.02
C LYS A 596 -20.91 17.25 15.18
N VAL A 597 -20.55 18.53 15.29
CA VAL A 597 -21.13 19.34 16.32
C VAL A 597 -22.59 19.54 15.98
N SER A 598 -22.89 20.06 14.78
CA SER A 598 -24.25 20.46 14.40
C SER A 598 -25.29 19.36 14.66
N SER A 599 -24.90 18.16 14.26
CA SER A 599 -25.82 17.06 14.26
C SER A 599 -26.12 16.53 15.65
N GLN A 600 -25.42 17.02 16.66
CA GLN A 600 -25.81 16.65 18.02
C GLN A 600 -26.88 17.60 18.59
N LYS A 601 -27.18 18.70 17.89
CA LYS A 601 -28.09 19.70 18.44
C LYS A 601 -29.33 19.91 17.60
N THR A 602 -29.45 19.19 16.50
CA THR A 602 -30.42 19.58 15.48
C THR A 602 -30.75 18.39 14.57
N THR A 603 -31.76 18.54 13.72
CA THR A 603 -32.14 17.47 12.79
C THR A 603 -31.19 17.40 11.62
N LYS A 604 -31.11 16.22 11.01
CA LYS A 604 -30.32 16.02 9.80
C LYS A 604 -30.65 17.04 8.69
N PRO A 605 -31.95 17.27 8.38
CA PRO A 605 -32.31 18.24 7.33
C PRO A 605 -31.63 19.58 7.58
N GLN A 606 -31.79 20.05 8.82
CA GLN A 606 -31.17 21.29 9.24
C GLN A 606 -29.63 21.34 9.09
N THR A 607 -28.94 20.26 9.48
CA THR A 607 -27.47 20.20 9.52
C THR A 607 -26.93 20.23 8.08
N LYS A 608 -27.70 19.58 7.21
CA LYS A 608 -27.37 19.42 5.81
C LYS A 608 -27.42 20.80 5.17
N GLU A 609 -28.51 21.51 5.38
CA GLU A 609 -28.65 22.88 4.96
C GLU A 609 -27.52 23.79 5.49
N MET A 610 -27.08 23.57 6.73
CA MET A 610 -25.94 24.32 7.27
C MET A 610 -24.60 23.98 6.59
N MET A 611 -24.41 22.70 6.34
CA MET A 611 -23.23 22.23 5.66
C MET A 611 -23.15 22.94 4.32
N HIS A 612 -24.29 23.00 3.64
CA HIS A 612 -24.39 23.59 2.33
C HIS A 612 -23.99 25.08 2.36
N MET A 613 -24.45 25.82 3.38
CA MET A 613 -24.11 27.25 3.49
C MET A 613 -22.63 27.35 3.72
N CYS A 614 -22.13 26.57 4.67
CA CYS A 614 -20.70 26.57 4.91
C CYS A 614 -19.93 26.38 3.59
N MET A 615 -20.35 25.37 2.81
CA MET A 615 -19.63 24.97 1.59
C MET A 615 -19.68 26.11 0.59
N ARG A 616 -20.75 26.91 0.68
CA ARG A 616 -21.00 27.96 -0.31
C ARG A 616 -20.13 29.21 -0.13
N GLN A 617 -19.40 29.27 0.99
CA GLN A 617 -18.42 30.33 1.23
C GLN A 617 -17.35 30.28 0.20
N GLU A 618 -16.91 31.45 -0.23
CA GLU A 618 -15.94 31.51 -1.29
C GLU A 618 -14.72 30.69 -1.01
N THR A 619 -14.21 30.77 0.22
CA THR A 619 -12.98 30.06 0.56
C THR A 619 -13.14 28.56 0.41
N TYR A 620 -14.35 28.05 0.63
CA TYR A 620 -14.57 26.61 0.55
C TYR A 620 -14.79 26.15 -0.90
N MET A 621 -15.59 26.95 -1.64
CA MET A 621 -15.89 26.69 -3.06
C MET A 621 -14.61 26.64 -3.80
N GLU A 622 -13.74 27.55 -3.44
CA GLU A 622 -12.45 27.60 -4.09
C GLU A 622 -11.56 26.41 -3.69
N ALA A 623 -11.46 26.10 -2.39
CA ALA A 623 -10.60 25.01 -1.87
C ALA A 623 -11.06 23.64 -2.31
N LEU A 624 -12.37 23.45 -2.45
CA LEU A 624 -12.88 22.14 -2.71
C LEU A 624 -13.02 21.83 -4.19
N SER A 625 -12.84 22.83 -5.05
CA SER A 625 -13.01 22.65 -6.50
C SER A 625 -11.68 22.62 -7.27
N HIS A 626 -11.69 21.99 -8.44
CA HIS A 626 -10.59 22.00 -9.39
C HIS A 626 -9.32 21.36 -8.84
N LEU A 627 -9.47 20.09 -8.42
CA LEU A 627 -8.32 19.31 -7.97
C LEU A 627 -8.25 17.91 -8.59
N GLN A 628 -7.04 17.35 -8.58
CA GLN A 628 -6.82 15.94 -8.86
C GLN A 628 -7.25 15.13 -7.64
N SER A 629 -7.96 14.05 -7.86
CA SER A 629 -8.46 13.27 -6.73
C SER A 629 -7.30 12.54 -6.07
N PRO A 630 -7.16 12.68 -4.73
CA PRO A 630 -6.13 11.86 -4.02
C PRO A 630 -6.32 10.37 -4.20
N LEU A 631 -7.52 9.91 -4.51
CA LEU A 631 -7.80 8.50 -4.74
C LEU A 631 -7.28 7.97 -6.07
N ASP A 632 -7.12 8.86 -7.05
CA ASP A 632 -6.75 8.47 -8.39
C ASP A 632 -6.43 9.79 -9.10
N PRO A 633 -5.15 10.10 -9.26
CA PRO A 633 -4.86 11.40 -9.84
C PRO A 633 -5.43 11.55 -11.24
N SER A 634 -5.83 10.48 -11.89
CA SER A 634 -6.27 10.67 -13.27
C SER A 634 -7.74 11.17 -13.29
N THR A 635 -8.35 11.13 -12.13
CA THR A 635 -9.70 11.63 -11.93
C THR A 635 -9.61 13.10 -11.54
N LEU A 636 -10.18 13.96 -12.39
CA LEU A 636 -10.29 15.36 -12.08
C LEU A 636 -11.60 15.64 -11.25
N LEU A 637 -11.48 16.25 -10.06
CA LEU A 637 -12.62 16.75 -9.31
C LEU A 637 -12.83 18.23 -9.65
N GLU A 638 -13.80 18.52 -10.53
CA GLU A 638 -13.94 19.89 -11.03
C GLU A 638 -14.79 20.78 -10.13
N GLU A 639 -16.08 20.96 -10.45
CA GLU A 639 -16.92 21.78 -9.57
C GLU A 639 -17.69 20.96 -8.55
N VAL A 640 -17.56 21.29 -7.26
CA VAL A 640 -18.33 20.55 -6.26
C VAL A 640 -19.83 20.88 -6.42
N CYS A 641 -20.72 19.87 -6.47
CA CYS A 641 -22.18 20.10 -6.39
C CYS A 641 -22.60 20.10 -4.96
N VAL A 642 -22.71 21.27 -4.37
CA VAL A 642 -23.17 21.45 -3.01
C VAL A 642 -24.53 20.80 -2.75
N GLU A 643 -25.46 20.92 -3.70
CA GLU A 643 -26.82 20.49 -3.44
C GLU A 643 -26.83 19.00 -3.24
N GLN A 644 -25.86 18.31 -3.84
CA GLN A 644 -25.78 16.87 -3.79
C GLN A 644 -24.99 16.34 -2.62
N CYS A 645 -24.19 17.20 -2.00
CA CYS A 645 -23.31 16.75 -0.94
C CYS A 645 -24.19 16.52 0.25
N THR A 646 -23.77 15.64 1.13
CA THR A 646 -24.51 15.39 2.36
C THR A 646 -23.56 14.77 3.37
N PHE A 647 -24.09 14.07 4.35
CA PHE A 647 -23.25 13.32 5.29
C PHE A 647 -23.98 12.05 5.67
N MET A 648 -23.22 11.01 5.99
CA MET A 648 -23.79 9.75 6.43
C MET A 648 -24.00 9.75 7.91
N ASP A 649 -25.01 9.02 8.40
CA ASP A 649 -25.41 9.19 9.81
C ASP A 649 -24.86 8.11 10.73
N SER A 650 -23.66 7.68 10.44
CA SER A 650 -23.05 6.61 11.19
C SER A 650 -21.80 7.11 11.90
N LYS A 651 -21.94 7.32 13.19
CA LYS A 651 -20.82 7.65 14.10
C LYS A 651 -19.89 8.80 13.73
N MET A 652 -18.96 8.54 12.82
CA MET A 652 -17.94 9.53 12.50
C MET A 652 -18.50 10.57 11.58
N LYS A 653 -19.75 10.35 11.17
CA LYS A 653 -20.46 11.23 10.27
C LYS A 653 -19.66 11.50 8.98
N PRO A 654 -19.32 10.44 8.22
CA PRO A 654 -18.54 10.65 7.01
C PRO A 654 -19.18 11.64 6.05
N LEU A 655 -18.37 12.47 5.43
CA LEU A 655 -18.85 13.43 4.43
C LEU A 655 -19.00 12.82 3.02
N TRP A 656 -20.13 13.12 2.37
CA TRP A 656 -20.44 12.62 1.02
C TRP A 656 -20.32 13.77 0.05
N ILE A 657 -19.28 13.77 -0.77
CA ILE A 657 -18.99 14.92 -1.64
C ILE A 657 -19.03 14.59 -3.11
N MET A 658 -19.97 15.20 -3.80
CA MET A 658 -20.12 14.98 -5.23
C MET A 658 -19.45 16.08 -6.03
N TYR A 659 -19.10 15.74 -7.26
CA TYR A 659 -18.51 16.67 -8.21
C TYR A 659 -19.06 16.43 -9.54
N SER A 660 -18.93 17.43 -10.40
CA SER A 660 -19.28 17.30 -11.83
C SER A 660 -18.31 18.08 -12.70
N SER A 661 -18.28 17.75 -13.98
CA SER A 661 -17.44 18.45 -14.93
C SER A 661 -18.17 18.39 -16.24
N GLU A 662 -18.37 19.57 -16.82
CA GLU A 662 -18.89 19.77 -18.18
C GLU A 662 -18.05 19.03 -19.22
N GLU A 663 -16.73 19.22 -19.13
CA GLU A 663 -15.77 18.61 -20.10
C GLU A 663 -15.69 17.08 -20.07
N ALA A 664 -15.93 16.49 -18.91
CA ALA A 664 -15.89 15.03 -18.72
C ALA A 664 -17.24 14.30 -18.94
N GLY A 665 -18.35 15.08 -18.91
CA GLY A 665 -19.73 14.58 -19.04
C GLY A 665 -20.13 13.64 -17.92
N SER A 666 -20.85 12.56 -18.23
CA SER A 666 -21.20 11.53 -17.22
C SER A 666 -20.02 11.07 -16.36
N ALA A 667 -18.85 10.92 -17.01
CA ALA A 667 -17.66 10.34 -16.38
C ALA A 667 -17.08 11.34 -15.38
N GLY A 668 -17.52 12.61 -15.54
CA GLY A 668 -17.20 13.70 -14.61
C GLY A 668 -18.00 13.67 -13.30
N ASN A 669 -19.09 12.89 -13.27
CA ASN A 669 -19.95 12.79 -12.12
C ASN A 669 -19.42 11.75 -11.21
N VAL A 670 -18.74 12.19 -10.14
CA VAL A 670 -17.94 11.29 -9.32
C VAL A 670 -18.07 11.78 -7.91
N GLY A 671 -17.80 10.91 -6.96
CA GLY A 671 -18.00 11.30 -5.56
C GLY A 671 -16.90 10.78 -4.67
N ILE A 672 -16.57 11.54 -3.64
CA ILE A 672 -15.65 11.06 -2.65
C ILE A 672 -16.28 11.10 -1.26
N ILE A 673 -15.90 10.17 -0.40
CA ILE A 673 -16.35 10.19 0.99
C ILE A 673 -15.13 10.58 1.80
N PHE A 674 -15.32 11.50 2.73
CA PHE A 674 -14.31 11.90 3.69
C PHE A 674 -14.72 11.36 5.07
N LYS A 675 -13.79 10.66 5.71
CA LYS A 675 -14.04 10.11 7.00
C LYS A 675 -12.89 10.44 7.97
N ASN A 676 -13.28 11.02 9.09
CA ASN A 676 -12.36 11.39 10.13
C ASN A 676 -12.75 10.79 11.49
N GLY A 677 -11.85 10.02 12.10
CA GLY A 677 -12.14 9.29 13.31
C GLY A 677 -11.80 7.81 13.35
N ASP A 678 -11.73 7.15 12.18
CA ASP A 678 -11.42 5.73 12.09
C ASP A 678 -10.03 5.52 11.51
N ASP A 679 -9.50 4.33 11.78
CA ASP A 679 -8.24 3.93 11.17
C ASP A 679 -8.66 3.32 9.85
N LEU A 680 -8.20 3.88 8.72
CA LEU A 680 -8.53 3.34 7.39
C LEU A 680 -7.51 2.37 6.78
N ARG A 681 -6.39 2.17 7.49
CA ARG A 681 -5.27 1.40 6.95
C ARG A 681 -5.72 -0.02 6.63
N GLN A 682 -6.47 -0.59 7.56
CA GLN A 682 -7.04 -1.92 7.42
C GLN A 682 -7.78 -2.04 6.08
N ASP A 683 -8.86 -1.30 5.96
CA ASP A 683 -9.62 -1.32 4.73
C ASP A 683 -8.81 -1.15 3.48
N MET A 684 -7.76 -0.34 3.53
CA MET A 684 -6.95 -0.14 2.35
C MET A 684 -6.17 -1.39 2.01
N LEU A 685 -5.60 -2.04 3.03
CA LEU A 685 -4.92 -3.30 2.79
C LEU A 685 -5.89 -4.31 2.16
N THR A 686 -7.04 -4.53 2.82
CA THR A 686 -8.03 -5.48 2.36
C THR A 686 -8.44 -5.21 0.94
N LEU A 687 -8.72 -3.93 0.64
CA LEU A 687 -9.08 -3.58 -0.73
C LEU A 687 -7.96 -3.83 -1.71
N GLN A 688 -6.74 -3.51 -1.34
CA GLN A 688 -5.59 -3.72 -2.27
C GLN A 688 -5.38 -5.20 -2.53
N MET A 689 -5.66 -6.06 -1.54
CA MET A 689 -5.43 -7.49 -1.72
C MET A 689 -6.53 -8.08 -2.62
N ILE A 690 -7.75 -7.56 -2.50
CA ILE A 690 -8.83 -8.05 -3.34
C ILE A 690 -8.48 -7.58 -4.75
N GLN A 691 -7.90 -6.37 -4.86
CA GLN A 691 -7.55 -5.86 -6.19
C GLN A 691 -6.55 -6.83 -6.83
N LEU A 692 -5.59 -7.25 -6.02
CA LEU A 692 -4.57 -8.22 -6.44
C LEU A 692 -5.15 -9.56 -6.91
N MET A 693 -6.11 -10.10 -6.15
CA MET A 693 -6.85 -11.30 -6.54
C MET A 693 -7.52 -11.15 -7.92
N ASP A 694 -8.23 -10.03 -8.12
CA ASP A 694 -8.84 -9.67 -9.41
C ASP A 694 -7.79 -9.65 -10.51
N VAL A 695 -6.59 -9.14 -10.22
CA VAL A 695 -5.56 -9.11 -11.27
C VAL A 695 -5.11 -10.52 -11.63
N LEU A 696 -4.76 -11.31 -10.61
CA LEU A 696 -4.37 -12.72 -10.82
C LEU A 696 -5.47 -13.51 -11.52
N TRP A 697 -6.73 -13.28 -11.17
CA TRP A 697 -7.83 -13.99 -11.84
C TRP A 697 -7.90 -13.59 -13.32
N LYS A 698 -7.91 -12.28 -13.57
CA LYS A 698 -8.00 -11.86 -14.93
C LYS A 698 -6.79 -12.40 -15.74
N GLN A 699 -5.63 -12.57 -15.10
CA GLN A 699 -4.46 -13.07 -15.83
C GLN A 699 -4.63 -14.50 -16.29
N GLU A 700 -5.51 -15.27 -15.67
CA GLU A 700 -5.85 -16.60 -16.25
C GLU A 700 -7.20 -16.60 -16.96
N GLY A 701 -7.69 -15.43 -17.38
CA GLY A 701 -8.98 -15.32 -18.07
C GLY A 701 -10.25 -15.52 -17.24
N LEU A 702 -10.20 -15.15 -15.97
CA LEU A 702 -11.39 -15.19 -15.14
C LEU A 702 -11.68 -13.78 -14.69
N ASP A 703 -12.82 -13.25 -15.16
CA ASP A 703 -13.31 -11.90 -14.77
C ASP A 703 -14.52 -12.08 -13.85
N LEU A 704 -14.30 -11.89 -12.55
CA LEU A 704 -15.39 -12.05 -11.56
C LEU A 704 -16.11 -10.72 -11.26
N ARG A 705 -15.89 -9.73 -12.13
CA ARG A 705 -16.72 -8.54 -12.12
C ARG A 705 -16.66 -7.86 -10.77
N MET A 706 -15.41 -7.75 -10.28
CA MET A 706 -15.05 -7.10 -9.01
C MET A 706 -15.20 -5.57 -9.06
N THR A 707 -15.22 -4.88 -7.92
CA THR A 707 -15.43 -3.45 -7.88
C THR A 707 -14.35 -2.95 -7.00
N PRO A 708 -13.19 -2.72 -7.60
CA PRO A 708 -12.03 -2.31 -6.82
C PRO A 708 -11.98 -0.79 -6.58
N TYR A 709 -12.91 -0.24 -5.81
CA TYR A 709 -12.95 1.21 -5.51
C TYR A 709 -11.79 1.69 -4.59
N GLY A 710 -11.39 2.95 -4.72
CA GLY A 710 -10.30 3.57 -3.97
C GLY A 710 -10.53 3.80 -2.49
N CYS A 711 -9.47 3.68 -1.71
CA CYS A 711 -9.50 3.97 -0.28
C CYS A 711 -8.08 4.42 0.08
N LEU A 712 -7.95 5.59 0.66
CA LEU A 712 -6.66 6.21 0.77
C LEU A 712 -6.60 6.96 2.05
N PRO A 713 -5.83 6.45 3.03
CA PRO A 713 -5.63 7.19 4.22
C PRO A 713 -4.76 8.42 3.85
N THR A 714 -5.04 9.56 4.48
CA THR A 714 -4.37 10.82 4.17
C THR A 714 -3.70 11.48 5.37
N GLY A 715 -4.11 11.08 6.57
CA GLY A 715 -3.72 11.80 7.79
C GLY A 715 -4.11 10.99 8.99
N ASP A 716 -4.07 11.63 10.15
CA ASP A 716 -4.34 10.94 11.39
C ASP A 716 -5.82 10.53 11.40
N ARG A 717 -6.08 9.21 11.38
CA ARG A 717 -7.44 8.64 11.35
C ARG A 717 -8.31 9.41 10.38
N THR A 718 -7.71 9.72 9.24
CA THR A 718 -8.34 10.51 8.19
C THR A 718 -8.03 9.95 6.81
N GLY A 719 -9.04 9.89 5.96
CA GLY A 719 -8.80 9.51 4.56
C GLY A 719 -10.04 9.60 3.73
N LEU A 720 -9.93 9.14 2.50
CA LEU A 720 -11.00 9.27 1.54
C LEU A 720 -11.33 7.89 1.07
N ILE A 721 -12.62 7.70 0.77
CA ILE A 721 -13.10 6.48 0.08
C ILE A 721 -13.84 6.81 -1.23
N GLU A 722 -13.64 6.03 -2.30
CA GLU A 722 -14.24 6.39 -3.61
C GLU A 722 -15.69 6.01 -3.64
N VAL A 723 -16.54 6.91 -4.08
CA VAL A 723 -17.97 6.63 -4.14
C VAL A 723 -18.32 5.72 -5.33
N VAL A 724 -19.07 4.66 -5.06
CA VAL A 724 -19.54 3.77 -6.13
C VAL A 724 -21.02 4.13 -6.40
N LEU A 725 -21.22 4.74 -7.55
CA LEU A 725 -22.49 5.33 -7.81
C LEU A 725 -23.43 4.25 -8.27
N HIS A 726 -24.72 4.58 -8.23
CA HIS A 726 -25.74 3.68 -8.61
C HIS A 726 -25.68 2.37 -7.82
N SER A 727 -25.54 2.45 -6.51
CA SER A 727 -25.43 1.25 -5.69
C SER A 727 -26.27 1.45 -4.46
N ASP A 728 -26.69 0.38 -3.80
CA ASP A 728 -27.39 0.50 -2.52
C ASP A 728 -27.06 -0.72 -1.63
N THR A 729 -27.31 -0.63 -0.33
CA THR A 729 -27.00 -1.75 0.54
C THR A 729 -28.08 -2.84 0.35
N ILE A 730 -27.66 -4.08 0.53
CA ILE A 730 -28.61 -5.19 0.66
C ILE A 730 -29.63 -4.84 1.73
N ALA A 731 -29.17 -4.39 2.89
CA ALA A 731 -30.08 -4.08 4.00
C ALA A 731 -31.15 -3.10 3.53
N ASN A 732 -30.72 -2.04 2.87
CA ASN A 732 -31.63 -1.01 2.39
C ASN A 732 -32.65 -1.58 1.41
N ILE A 733 -32.19 -2.33 0.45
CA ILE A 733 -33.10 -3.02 -0.42
C ILE A 733 -34.01 -3.99 0.36
N GLN A 734 -33.44 -4.72 1.30
CA GLN A 734 -34.23 -5.69 2.08
C GLN A 734 -35.26 -5.05 3.01
N LEU A 735 -35.24 -3.72 3.12
CA LEU A 735 -36.30 -2.99 3.85
C LEU A 735 -37.73 -3.19 3.25
N ASN A 736 -37.74 -3.70 2.00
CA ASN A 736 -38.95 -4.11 1.27
C ASN A 736 -40.07 -3.06 1.37
N LYS A 737 -39.71 -1.82 1.06
CA LYS A 737 -40.65 -0.69 1.16
C LYS A 737 -41.80 -0.74 0.17
N SER A 738 -42.95 -0.24 0.61
CA SER A 738 -44.11 -0.07 -0.29
C SER A 738 -43.82 1.08 -1.27
N ASN A 739 -44.54 1.11 -2.40
CA ASN A 739 -44.51 2.23 -3.36
C ASN A 739 -43.24 2.30 -4.20
N MET A 740 -42.61 1.16 -4.35
CA MET A 740 -41.37 1.07 -5.07
C MET A 740 -41.61 -0.07 -6.04
N ALA A 741 -40.75 -0.17 -7.05
CA ALA A 741 -40.94 -1.16 -8.08
C ALA A 741 -40.68 -2.53 -7.49
N ALA A 742 -39.80 -2.55 -6.50
CA ALA A 742 -39.26 -3.81 -5.99
C ALA A 742 -40.17 -4.54 -4.96
N THR A 743 -41.35 -3.98 -4.69
CA THR A 743 -42.27 -4.49 -3.66
C THR A 743 -42.59 -5.98 -3.86
N ALA A 744 -42.29 -6.80 -2.84
CA ALA A 744 -42.47 -8.25 -2.93
C ALA A 744 -43.53 -8.87 -2.00
N ALA A 745 -43.95 -10.08 -2.38
CA ALA A 745 -44.90 -10.88 -1.60
C ALA A 745 -44.16 -11.56 -0.46
N PHE A 746 -42.89 -11.86 -0.72
CA PHE A 746 -42.05 -12.52 0.25
C PHE A 746 -40.70 -11.85 0.19
N ASN A 747 -40.18 -11.50 1.36
CA ASN A 747 -38.91 -10.81 1.53
C ASN A 747 -37.75 -11.43 0.72
N LYS A 748 -37.76 -12.76 0.58
CA LYS A 748 -36.70 -13.43 -0.17
C LYS A 748 -36.69 -13.00 -1.62
N ASP A 749 -37.75 -12.32 -2.04
CA ASP A 749 -37.86 -11.90 -3.43
C ASP A 749 -37.41 -10.46 -3.66
N ALA A 750 -37.28 -9.73 -2.56
CA ALA A 750 -36.90 -8.31 -2.59
C ALA A 750 -35.66 -7.98 -3.47
N LEU A 751 -34.54 -8.64 -3.18
CA LEU A 751 -33.30 -8.35 -3.87
C LEU A 751 -33.51 -8.68 -5.35
N LEU A 752 -34.19 -9.76 -5.66
CA LEU A 752 -34.35 -10.13 -7.06
C LEU A 752 -35.32 -9.18 -7.82
N ASN A 753 -36.39 -8.75 -7.16
CA ASN A 753 -37.26 -7.68 -7.70
C ASN A 753 -36.44 -6.38 -7.99
N TRP A 754 -35.63 -5.95 -7.03
CA TRP A 754 -34.83 -4.77 -7.26
C TRP A 754 -34.00 -4.90 -8.54
N LEU A 755 -33.39 -6.07 -8.71
CA LEU A 755 -32.55 -6.32 -9.87
C LEU A 755 -33.34 -6.26 -11.16
N LYS A 756 -34.55 -6.85 -11.11
CA LYS A 756 -35.51 -6.79 -12.21
C LYS A 756 -35.89 -5.35 -12.56
N SER A 757 -36.20 -4.56 -11.53
CA SER A 757 -36.58 -3.17 -11.74
C SER A 757 -35.48 -2.39 -12.46
N LYS A 758 -34.22 -2.62 -12.11
CA LYS A 758 -33.13 -1.88 -12.71
C LYS A 758 -32.74 -2.49 -14.06
N ASN A 759 -33.12 -3.73 -14.31
CA ASN A 759 -32.67 -4.42 -15.52
C ASN A 759 -33.77 -5.11 -16.26
N PRO A 760 -34.65 -4.32 -16.90
CA PRO A 760 -35.84 -4.91 -17.49
C PRO A 760 -35.57 -5.81 -18.70
N GLY A 761 -36.48 -6.77 -18.89
CA GLY A 761 -36.46 -7.69 -20.03
C GLY A 761 -35.17 -8.48 -20.09
N GLU A 762 -34.54 -8.42 -21.27
CA GLU A 762 -33.41 -9.27 -21.61
C GLU A 762 -32.19 -8.91 -20.80
N ALA A 763 -32.14 -7.69 -20.26
CA ALA A 763 -31.03 -7.25 -19.44
C ALA A 763 -30.87 -8.09 -18.19
N LEU A 764 -31.98 -8.68 -17.73
CA LEU A 764 -32.02 -9.37 -16.45
C LEU A 764 -30.95 -10.43 -16.38
N ASP A 765 -30.85 -11.26 -17.39
CA ASP A 765 -29.88 -12.36 -17.39
C ASP A 765 -28.45 -11.94 -17.17
N ARG A 766 -28.04 -10.84 -17.81
CA ARG A 766 -26.69 -10.40 -17.62
C ARG A 766 -26.48 -9.95 -16.18
N ALA A 767 -27.49 -9.32 -15.58
CA ALA A 767 -27.35 -8.83 -14.22
C ALA A 767 -27.17 -9.99 -13.24
N ILE A 768 -27.99 -11.00 -13.42
CA ILE A 768 -27.92 -12.20 -12.63
C ILE A 768 -26.57 -12.86 -12.78
N GLU A 769 -26.02 -12.80 -13.98
CA GLU A 769 -24.69 -13.29 -14.22
C GLU A 769 -23.57 -12.44 -13.55
N GLU A 770 -23.67 -11.11 -13.63
CA GLU A 770 -22.73 -10.23 -12.92
C GLU A 770 -22.82 -10.51 -11.40
N PHE A 771 -24.03 -10.67 -10.91
CA PHE A 771 -24.19 -10.94 -9.51
C PHE A 771 -23.42 -12.20 -9.11
N THR A 772 -23.58 -13.24 -9.93
CA THR A 772 -23.11 -14.59 -9.65
C THR A 772 -21.62 -14.62 -9.57
N LEU A 773 -20.99 -14.04 -10.58
CA LEU A 773 -19.57 -13.92 -10.68
C LEU A 773 -18.97 -13.13 -9.52
N SER A 774 -19.52 -11.94 -9.24
CA SER A 774 -18.98 -11.08 -8.20
C SER A 774 -19.20 -11.70 -6.85
N CYS A 775 -20.35 -12.37 -6.68
CA CYS A 775 -20.62 -13.07 -5.45
C CYS A 775 -19.50 -14.08 -5.14
N ALA A 776 -19.11 -14.81 -6.18
CA ALA A 776 -18.10 -15.83 -6.06
C ALA A 776 -16.78 -15.20 -5.66
N GLY A 777 -16.41 -14.12 -6.35
CA GLY A 777 -15.19 -13.40 -6.04
C GLY A 777 -15.14 -12.96 -4.57
N TYR A 778 -16.26 -12.41 -4.05
CA TYR A 778 -16.25 -11.83 -2.73
C TYR A 778 -16.32 -12.93 -1.69
N CYS A 779 -16.99 -14.02 -2.03
CA CYS A 779 -17.09 -15.09 -1.07
C CYS A 779 -15.72 -15.73 -0.84
N VAL A 780 -14.95 -15.83 -1.96
CA VAL A 780 -13.62 -16.43 -1.90
C VAL A 780 -12.68 -15.45 -1.21
N ALA A 781 -12.76 -14.18 -1.59
CA ALA A 781 -11.79 -13.23 -1.10
C ALA A 781 -11.97 -13.06 0.41
N THR A 782 -13.21 -12.96 0.87
CA THR A 782 -13.45 -12.84 2.32
C THR A 782 -13.05 -14.12 3.07
N TYR A 783 -13.29 -15.28 2.45
CA TYR A 783 -12.95 -16.56 3.08
C TYR A 783 -11.43 -16.67 3.27
N VAL A 784 -10.71 -16.42 2.20
CA VAL A 784 -9.26 -16.48 2.23
C VAL A 784 -8.71 -15.52 3.29
N LEU A 785 -9.23 -14.28 3.31
CA LEU A 785 -8.67 -13.20 4.14
C LEU A 785 -9.13 -13.23 5.59
N GLY A 786 -10.04 -14.15 5.88
CA GLY A 786 -10.64 -14.21 7.21
C GLY A 786 -11.41 -12.96 7.58
N ILE A 787 -12.12 -12.37 6.63
CA ILE A 787 -12.96 -11.21 6.92
C ILE A 787 -14.36 -11.69 7.33
N GLY A 788 -14.64 -11.49 8.62
CA GLY A 788 -15.93 -11.88 9.21
C GLY A 788 -16.79 -10.66 9.44
N ASP A 789 -17.89 -10.89 10.14
CA ASP A 789 -18.89 -9.84 10.38
C ASP A 789 -19.40 -9.24 9.07
N ARG A 790 -19.58 -10.08 8.07
CA ARG A 790 -20.26 -9.57 6.91
C ARG A 790 -21.73 -9.71 7.23
N HIS A 791 -22.48 -8.70 6.81
CA HIS A 791 -23.92 -8.67 7.00
C HIS A 791 -24.51 -7.65 6.03
N SER A 792 -25.82 -7.45 6.09
CA SER A 792 -26.50 -6.83 4.96
C SER A 792 -26.27 -5.33 4.93
N ASP A 793 -25.72 -4.80 6.02
CA ASP A 793 -25.39 -3.37 6.03
C ASP A 793 -24.01 -3.05 5.30
N ASN A 794 -23.14 -4.05 5.17
CA ASN A 794 -21.81 -3.75 4.68
C ASN A 794 -21.53 -4.49 3.37
N ILE A 795 -22.61 -5.04 2.80
CA ILE A 795 -22.57 -5.56 1.45
C ILE A 795 -23.48 -4.68 0.61
N MET A 796 -22.97 -4.28 -0.56
CA MET A 796 -23.70 -3.43 -1.49
C MET A 796 -23.83 -4.08 -2.85
N ILE A 797 -24.78 -3.59 -3.62
CA ILE A 797 -24.99 -4.11 -4.96
C ILE A 797 -25.24 -2.97 -5.94
N ARG A 798 -24.60 -3.09 -7.09
CA ARG A 798 -24.73 -2.15 -8.16
C ARG A 798 -25.85 -2.48 -9.13
N GLU A 799 -26.40 -1.48 -9.79
CA GLU A 799 -27.60 -1.69 -10.61
C GLU A 799 -27.30 -2.60 -11.82
N SER A 800 -26.01 -2.77 -12.12
CA SER A 800 -25.56 -3.81 -13.05
C SER A 800 -25.70 -5.23 -12.51
N GLY A 801 -25.84 -5.39 -11.18
CA GLY A 801 -25.89 -6.72 -10.61
C GLY A 801 -24.66 -7.04 -9.79
N GLN A 802 -23.61 -6.24 -9.93
CA GLN A 802 -22.37 -6.48 -9.23
C GLN A 802 -22.48 -6.24 -7.72
N LEU A 803 -22.09 -7.25 -6.93
CA LEU A 803 -22.09 -7.20 -5.47
C LEU A 803 -20.67 -6.83 -5.03
N PHE A 804 -20.51 -6.05 -3.96
CA PHE A 804 -19.20 -5.71 -3.39
C PHE A 804 -19.35 -5.39 -1.89
N HIS A 805 -18.23 -5.28 -1.18
CA HIS A 805 -18.22 -5.10 0.27
C HIS A 805 -17.66 -3.74 0.68
N ILE A 806 -18.15 -3.19 1.79
CA ILE A 806 -17.65 -1.92 2.35
C ILE A 806 -17.37 -2.15 3.84
N ASP A 807 -16.64 -1.25 4.50
CA ASP A 807 -16.30 -1.36 5.94
C ASP A 807 -15.78 -2.69 6.47
N PHE A 808 -14.63 -3.16 5.99
CA PHE A 808 -13.91 -4.22 6.66
C PHE A 808 -13.03 -3.60 7.73
N GLY A 809 -13.16 -4.01 8.97
CA GLY A 809 -12.15 -3.65 9.97
C GLY A 809 -11.64 -4.87 10.71
N HIS A 810 -12.14 -6.04 10.32
CA HIS A 810 -11.80 -7.29 10.96
C HIS A 810 -11.32 -8.24 9.86
N PHE A 811 -10.17 -8.88 10.06
CA PHE A 811 -9.62 -9.86 9.08
C PHE A 811 -8.60 -10.84 9.68
N LEU A 812 -8.16 -11.82 8.90
CA LEU A 812 -7.36 -12.90 9.44
C LEU A 812 -8.01 -13.40 10.74
N GLY A 813 -9.35 -13.46 10.69
CA GLY A 813 -10.17 -14.07 11.73
C GLY A 813 -10.38 -13.24 12.97
N ASN A 814 -9.61 -12.15 13.10
CA ASN A 814 -9.63 -11.37 14.33
C ASN A 814 -11.02 -10.77 14.66
N PHE A 815 -11.87 -11.65 15.18
CA PHE A 815 -13.18 -11.36 15.80
C PHE A 815 -13.05 -10.58 17.13
N ARG A 825 -11.15 -18.35 13.16
CA ARG A 825 -11.30 -19.19 11.96
C ARG A 825 -12.70 -18.95 11.46
N VAL A 826 -12.84 -18.03 10.52
CA VAL A 826 -14.16 -17.68 9.98
C VAL A 826 -14.65 -18.62 8.82
N PRO A 827 -15.86 -19.19 8.96
CA PRO A 827 -16.28 -20.16 7.97
C PRO A 827 -16.61 -19.53 6.61
N PHE A 828 -16.60 -20.32 5.55
CA PHE A 828 -17.03 -19.86 4.22
C PHE A 828 -18.48 -19.46 4.39
N ILE A 829 -18.89 -18.38 3.72
CA ILE A 829 -20.22 -17.87 3.91
C ILE A 829 -21.01 -17.87 2.60
N LEU A 830 -22.11 -18.63 2.58
CA LEU A 830 -23.11 -18.53 1.53
C LEU A 830 -24.34 -17.95 2.15
N THR A 831 -24.86 -16.89 1.58
CA THR A 831 -26.08 -16.29 2.10
C THR A 831 -27.29 -16.69 1.29
N TYR A 832 -28.29 -17.19 1.97
CA TYR A 832 -29.46 -17.66 1.32
C TYR A 832 -29.99 -16.71 0.25
N ASP A 833 -30.02 -15.43 0.57
CA ASP A 833 -30.65 -14.43 -0.31
C ASP A 833 -29.85 -14.21 -1.58
N PHE A 834 -28.55 -14.51 -1.52
CA PHE A 834 -27.71 -14.45 -2.72
C PHE A 834 -27.89 -15.73 -3.52
N VAL A 835 -27.92 -16.85 -2.79
CA VAL A 835 -28.15 -18.12 -3.39
C VAL A 835 -29.47 -18.02 -4.17
N HIS A 836 -30.46 -17.37 -3.58
CA HIS A 836 -31.76 -17.27 -4.22
C HIS A 836 -31.67 -16.47 -5.53
N VAL A 837 -30.87 -15.40 -5.52
CA VAL A 837 -30.57 -14.63 -6.75
C VAL A 837 -29.73 -15.44 -7.78
N ILE A 838 -28.82 -16.29 -7.29
CA ILE A 838 -28.03 -17.11 -8.19
C ILE A 838 -28.91 -18.14 -8.94
N GLN A 839 -29.90 -18.65 -8.24
CA GLN A 839 -30.80 -19.68 -8.78
C GLN A 839 -32.02 -19.10 -9.48
N GLN A 840 -31.92 -17.83 -9.90
CA GLN A 840 -32.95 -17.14 -10.68
C GLN A 840 -34.34 -17.24 -10.06
N GLY A 841 -34.40 -17.16 -8.74
CA GLY A 841 -35.65 -17.15 -8.00
C GLY A 841 -36.25 -18.51 -7.78
N LYS A 842 -35.57 -19.57 -8.20
CA LYS A 842 -36.18 -20.90 -8.11
C LYS A 842 -35.63 -21.63 -6.92
N THR A 843 -36.54 -22.38 -6.29
CA THR A 843 -36.24 -23.23 -5.17
C THR A 843 -35.15 -24.20 -5.55
N ASN A 844 -35.19 -24.73 -6.78
CA ASN A 844 -34.17 -25.69 -7.19
C ASN A 844 -33.63 -25.39 -8.54
N ASN A 845 -32.33 -25.24 -8.59
CA ASN A 845 -31.68 -24.90 -9.83
C ASN A 845 -30.17 -25.20 -9.76
N SER A 846 -29.82 -26.47 -9.90
CA SER A 846 -28.47 -26.88 -9.67
C SER A 846 -27.58 -26.57 -10.90
N GLU A 847 -28.17 -26.33 -12.04
CA GLU A 847 -27.39 -25.85 -13.14
C GLU A 847 -26.78 -24.53 -12.77
N LYS A 848 -27.59 -23.59 -12.33
CA LYS A 848 -27.01 -22.31 -12.00
C LYS A 848 -26.11 -22.37 -10.77
N PHE A 849 -26.55 -23.07 -9.75
CA PHE A 849 -25.84 -23.09 -8.49
C PHE A 849 -24.51 -23.76 -8.62
N GLU A 850 -24.45 -24.74 -9.50
CA GLU A 850 -23.20 -25.47 -9.61
C GLU A 850 -22.19 -24.73 -10.48
N ARG A 851 -22.67 -23.98 -11.47
CA ARG A 851 -21.79 -23.10 -12.21
C ARG A 851 -21.12 -22.19 -11.17
N PHE A 852 -21.96 -21.72 -10.23
CA PHE A 852 -21.49 -20.81 -9.21
C PHE A 852 -20.40 -21.47 -8.37
N ARG A 853 -20.62 -22.73 -7.99
CA ARG A 853 -19.56 -23.52 -7.34
C ARG A 853 -18.24 -23.66 -8.16
N GLY A 854 -18.39 -23.88 -9.47
CA GLY A 854 -17.26 -23.81 -10.37
C GLY A 854 -16.48 -22.51 -10.26
N TYR A 855 -17.17 -21.38 -10.27
CA TYR A 855 -16.52 -20.07 -10.21
C TYR A 855 -15.67 -19.94 -8.94
N CYS A 856 -16.26 -20.29 -7.80
CA CYS A 856 -15.57 -20.22 -6.53
C CYS A 856 -14.34 -21.11 -6.53
N GLU A 857 -14.53 -22.32 -7.02
CA GLU A 857 -13.44 -23.30 -7.09
C GLU A 857 -12.26 -22.90 -7.97
N ARG A 858 -12.55 -22.38 -9.17
CA ARG A 858 -11.50 -21.79 -10.03
C ARG A 858 -10.79 -20.60 -9.34
N ALA A 859 -11.58 -19.73 -8.70
CA ALA A 859 -11.01 -18.52 -8.05
C ALA A 859 -10.08 -18.90 -6.92
N TYR A 860 -10.51 -19.91 -6.16
CA TYR A 860 -9.76 -20.38 -5.03
C TYR A 860 -8.48 -21.10 -5.45
N THR A 861 -8.58 -21.90 -6.52
CA THR A 861 -7.42 -22.60 -7.01
C THR A 861 -6.37 -21.62 -7.60
N ILE A 862 -6.82 -20.55 -8.26
CA ILE A 862 -5.88 -19.63 -8.87
C ILE A 862 -5.04 -18.95 -7.76
N LEU A 863 -5.75 -18.56 -6.69
CA LEU A 863 -5.11 -17.86 -5.59
C LEU A 863 -4.02 -18.73 -4.90
N ARG A 864 -4.32 -20.01 -4.73
CA ARG A 864 -3.29 -20.96 -4.20
C ARG A 864 -2.01 -20.97 -5.01
N ARG A 865 -2.11 -20.90 -6.33
CA ARG A 865 -0.91 -20.91 -7.17
C ARG A 865 -0.10 -19.65 -6.94
N HIS A 866 -0.68 -18.61 -6.35
CA HIS A 866 0.10 -17.45 -5.99
C HIS A 866 0.20 -17.24 -4.46
N GLY A 867 0.02 -18.31 -3.71
CA GLY A 867 0.01 -18.23 -2.26
C GLY A 867 1.27 -17.62 -1.70
N LEU A 868 2.40 -17.97 -2.27
CA LEU A 868 3.64 -17.37 -1.86
C LEU A 868 3.66 -15.86 -2.06
N LEU A 869 2.96 -15.36 -3.08
CA LEU A 869 2.99 -13.91 -3.28
C LEU A 869 2.29 -13.24 -2.09
N PHE A 870 1.11 -13.74 -1.76
CA PHE A 870 0.37 -13.21 -0.63
C PHE A 870 1.11 -13.32 0.70
N LEU A 871 1.67 -14.50 0.95
CA LEU A 871 2.53 -14.69 2.11
C LEU A 871 3.61 -13.65 2.18
N HIS A 872 4.34 -13.44 1.09
CA HIS A 872 5.47 -12.51 1.10
C HIS A 872 5.00 -11.11 1.38
N LEU A 873 3.87 -10.74 0.77
CA LEU A 873 3.30 -9.41 0.95
C LEU A 873 2.81 -9.14 2.37
N PHE A 874 2.14 -10.11 2.97
CA PHE A 874 1.74 -9.92 4.35
C PHE A 874 2.92 -9.86 5.31
N ALA A 875 3.92 -10.68 5.03
CA ALA A 875 5.16 -10.65 5.82
C ALA A 875 5.70 -9.23 5.92
N LEU A 876 5.75 -8.53 4.80
CA LEU A 876 6.30 -7.19 4.78
C LEU A 876 5.38 -6.21 5.54
N MET A 877 4.07 -6.47 5.49
CA MET A 877 3.06 -5.63 6.16
C MET A 877 3.21 -5.64 7.66
N ARG A 878 3.82 -6.68 8.20
CA ARG A 878 4.03 -6.73 9.65
C ARG A 878 4.79 -5.51 10.13
N ALA A 879 5.43 -4.82 9.21
CA ALA A 879 6.15 -3.61 9.53
C ALA A 879 5.18 -2.44 9.84
N ALA A 880 3.93 -2.54 9.41
CA ALA A 880 2.97 -1.43 9.54
C ALA A 880 2.43 -1.15 10.94
N GLY A 881 2.49 -2.15 11.83
CA GLY A 881 1.89 -2.04 13.16
C GLY A 881 0.36 -2.16 13.28
N LEU A 882 -0.36 -2.57 12.21
CA LEU A 882 -1.79 -2.93 12.30
C LEU A 882 -2.08 -3.98 13.38
N PRO A 883 -3.04 -3.68 14.29
CA PRO A 883 -3.28 -4.58 15.43
C PRO A 883 -3.74 -5.96 15.01
N GLU A 884 -4.23 -6.11 13.78
CA GLU A 884 -4.65 -7.44 13.33
C GLU A 884 -3.60 -8.13 12.48
N LEU A 885 -2.42 -7.49 12.41
CA LEU A 885 -1.24 -8.07 11.76
C LEU A 885 0.01 -7.88 12.64
N SER A 886 0.14 -8.71 13.68
CA SER A 886 1.17 -8.53 14.73
C SER A 886 2.17 -9.65 14.92
N CYS A 887 1.82 -10.87 14.50
CA CYS A 887 2.63 -12.07 14.78
C CYS A 887 2.42 -13.21 13.77
N SER A 888 2.97 -14.38 14.09
CA SER A 888 3.00 -15.52 13.18
C SER A 888 1.64 -16.18 13.00
N LYS A 889 0.87 -16.19 14.08
CA LYS A 889 -0.50 -16.74 14.07
C LYS A 889 -1.40 -16.13 12.98
N ASP A 890 -1.16 -14.86 12.68
CA ASP A 890 -1.91 -14.15 11.62
C ASP A 890 -1.52 -14.63 10.20
N ILE A 891 -0.20 -14.75 9.95
CA ILE A 891 0.30 -15.27 8.67
C ILE A 891 -0.18 -16.71 8.58
N GLN A 892 -0.23 -17.39 9.72
CA GLN A 892 -0.66 -18.79 9.79
C GLN A 892 -2.12 -18.91 9.33
N TYR A 893 -2.87 -17.83 9.54
CA TYR A 893 -4.25 -17.83 9.14
C TYR A 893 -4.33 -18.00 7.64
N LEU A 894 -3.57 -17.18 6.91
CA LEU A 894 -3.45 -17.26 5.46
C LEU A 894 -2.95 -18.65 4.96
N LYS A 895 -1.96 -19.21 5.65
CA LYS A 895 -1.43 -20.54 5.36
C LYS A 895 -2.56 -21.55 5.36
N ASP A 896 -3.44 -21.42 6.37
CA ASP A 896 -4.51 -22.39 6.58
C ASP A 896 -5.63 -22.20 5.60
N SER A 897 -5.93 -20.95 5.30
CA SER A 897 -7.02 -20.59 4.39
C SER A 897 -6.74 -20.99 2.92
N LEU A 898 -5.51 -20.79 2.45
CA LEU A 898 -5.12 -21.22 1.13
C LEU A 898 -4.63 -22.69 1.05
N ALA A 899 -4.76 -23.41 2.16
CA ALA A 899 -4.27 -24.80 2.26
C ALA A 899 -3.00 -25.02 1.42
N LEU A 900 -2.00 -24.17 1.65
CA LEU A 900 -0.82 -24.18 0.82
C LEU A 900 0.05 -25.39 1.04
N GLY A 901 -0.15 -26.09 2.16
CA GLY A 901 0.64 -27.28 2.50
C GLY A 901 0.17 -28.58 1.87
N LYS A 902 -0.79 -28.52 0.94
CA LYS A 902 -1.32 -29.73 0.32
C LYS A 902 -1.04 -29.78 -1.18
N THR A 903 -1.47 -30.86 -1.80
CA THR A 903 -1.58 -30.94 -3.25
C THR A 903 -2.89 -30.29 -3.67
N GLU A 904 -2.94 -29.77 -4.89
CA GLU A 904 -4.18 -29.17 -5.37
C GLU A 904 -5.42 -30.09 -5.11
N GLU A 905 -5.24 -31.39 -5.26
CA GLU A 905 -6.38 -32.28 -5.14
C GLU A 905 -6.90 -32.24 -3.71
N GLU A 906 -5.99 -32.24 -2.74
CA GLU A 906 -6.43 -32.25 -1.36
C GLU A 906 -7.12 -30.98 -0.97
N ALA A 907 -6.49 -29.86 -1.29
CA ALA A 907 -6.98 -28.56 -0.86
C ALA A 907 -8.38 -28.33 -1.43
N LEU A 908 -8.64 -28.79 -2.64
CA LEU A 908 -9.95 -28.63 -3.25
C LEU A 908 -11.03 -29.44 -2.52
N LYS A 909 -10.65 -30.65 -2.09
CA LYS A 909 -11.51 -31.54 -1.31
C LYS A 909 -11.82 -30.88 0.03
N HIS A 910 -10.76 -30.36 0.63
CA HIS A 910 -10.88 -29.55 1.81
C HIS A 910 -11.86 -28.39 1.57
N PHE A 911 -11.54 -27.52 0.60
CA PHE A 911 -12.43 -26.41 0.22
C PHE A 911 -13.88 -26.89 0.09
N ARG A 912 -14.05 -28.03 -0.57
CA ARG A 912 -15.40 -28.51 -0.94
C ARG A 912 -16.25 -28.78 0.27
N VAL A 913 -15.63 -29.35 1.28
CA VAL A 913 -16.32 -29.67 2.51
C VAL A 913 -16.84 -28.39 3.14
N LYS A 914 -15.97 -27.38 3.20
CA LYS A 914 -16.32 -26.08 3.76
C LYS A 914 -17.47 -25.46 2.98
N PHE A 915 -17.32 -25.46 1.65
CA PHE A 915 -18.34 -24.87 0.78
C PHE A 915 -19.66 -25.58 1.05
N ASN A 916 -19.64 -26.91 1.00
CA ASN A 916 -20.81 -27.70 1.39
C ASN A 916 -21.29 -27.26 2.77
N GLU A 917 -20.39 -27.18 3.75
CA GLU A 917 -20.81 -26.80 5.10
C GLU A 917 -21.50 -25.44 5.15
N ALA A 918 -21.00 -24.54 4.32
CA ALA A 918 -21.58 -23.23 4.14
C ALA A 918 -23.03 -23.31 3.61
N LEU A 919 -23.24 -24.05 2.50
CA LEU A 919 -24.59 -24.26 1.96
C LEU A 919 -25.59 -24.76 3.01
N ARG A 920 -25.17 -25.73 3.83
CA ARG A 920 -26.00 -26.34 4.89
C ARG A 920 -26.46 -25.30 5.85
N GLU A 921 -25.50 -24.45 6.23
CA GLU A 921 -25.75 -23.30 7.08
C GLU A 921 -26.79 -22.34 6.47
N SER A 922 -26.68 -22.09 5.16
CA SER A 922 -27.69 -21.34 4.39
C SER A 922 -29.06 -21.98 4.67
N TRP A 923 -30.01 -21.17 5.15
CA TRP A 923 -31.21 -21.69 5.89
C TRP A 923 -31.16 -23.14 6.30
CAA ZZM B . -24.57 4.31 0.64
CAB ZZM B . -23.47 4.05 1.68
CAC ZZM B . -23.81 2.85 2.54
NAE ZZM B . -22.07 3.87 1.13
NAD ZZM B . -21.14 3.68 1.92
C6 ZZM B . -21.59 3.93 -0.13
N1 ZZM B . -22.11 4.14 -1.36
C2 ZZM B . -21.38 4.15 -2.47
N3 ZZM B . -20.08 3.96 -2.43
C4 ZZM B . -19.45 3.76 -1.23
NAN ZZM B . -18.13 3.61 -1.19
C5 ZZM B . -20.22 3.75 -0.06
CAI ZZM B . -19.98 3.64 1.29
CAM ZZM B . -18.74 3.37 1.91
CAO ZZM B . -17.78 3.16 2.54
CAP ZZM B . -16.69 2.93 3.38
CAQ ZZM B . -15.53 2.37 2.87
CAR ZZM B . -14.47 2.17 3.74
CAU ZZM B . -14.62 2.51 5.08
NAT ZZM B . -15.74 3.04 5.53
CAS ZZM B . -16.77 3.24 4.73
#